data_4PET
#
_entry.id   4PET
#
_cell.length_a   55.827
_cell.length_b   70.249
_cell.length_c   154.927
_cell.angle_alpha   90.000
_cell.angle_beta   90.000
_cell.angle_gamma   90.000
#
_symmetry.space_group_name_H-M   'P 21 21 21'
#
loop_
_entity.id
_entity.type
_entity.pdbx_description
1 polymer 'Extracellular solute-binding protein, family 7'
2 non-polymer 'CHLORIDE ION'
3 non-polymer 'PYRUVIC ACID'
4 non-polymer 'CALCIUM ION'
5 water water
#
_entity_poly.entity_id   1
_entity_poly.type   'polypeptide(L)'
_entity_poly.pdbx_seq_one_letter_code
;(MSE)HHHHHHSSGVDLGTENLYFQS(MSE)DDDKKYRWKLAETWGPNFPIFGDATKN(MSE)AK(MSE)VKE(MSE)SN
GRLTIRIDSSNKHKSALGIFDFVKSGQYQ(MSE)GHSASYYWKGKNFNT(MSE)FFTTVPFG(MSE)IASEQHAWFYYGG
G(MSE)EL(MSE)KKVYDQYGI(MSE)SFPGGNTGNQ(MSE)GGWFKKEINSVEDLKGLK(MSE)RIPGFAGEVLAKLGA
KPTNIPSGELYTALERNTIDALEWVGPSLDLR(MSE)GFHKIAPYYYTGWHEPGTELQF(MSE)VNQKAYNSLPKDLQKI
LTVA(MSE)KAAAYD(MSE)YSQS(MSE)HASGVNLASLKKDYPNVQ(MSE)RSFPKPV(MSE)EAIVQANDELLEEFAA
KDP(MSE)TAEILKSLNDYKHQIRAWTNLSDRAYLDNFDGK
;
_entity_poly.pdbx_strand_id   A,B
#
loop_
_chem_comp.id
_chem_comp.type
_chem_comp.name
_chem_comp.formula
CA non-polymer 'CALCIUM ION' 'Ca 2'
CL non-polymer 'CHLORIDE ION' 'Cl -1'
PYR non-polymer 'PYRUVIC ACID' 'C3 H4 O3'
#
# COMPACT_ATOMS: atom_id res chain seq x y z
N ASP A 26 -29.61 16.56 -16.47
CA ASP A 26 -30.99 16.21 -16.17
C ASP A 26 -31.08 14.97 -15.28
N LYS A 27 -30.53 13.86 -15.78
CA LYS A 27 -30.86 12.52 -15.31
C LYS A 27 -30.01 12.07 -14.11
N LYS A 28 -30.66 11.42 -13.14
CA LYS A 28 -29.98 10.85 -11.98
C LYS A 28 -30.06 9.33 -12.07
N TYR A 29 -29.02 8.67 -11.57
CA TYR A 29 -28.92 7.22 -11.56
C TYR A 29 -29.00 6.71 -10.12
N ARG A 30 -29.81 5.67 -9.93
CA ARG A 30 -29.97 5.01 -8.64
C ARG A 30 -29.63 3.54 -8.84
N TRP A 31 -28.49 3.14 -8.29
CA TRP A 31 -27.95 1.81 -8.45
C TRP A 31 -28.06 1.04 -7.14
N LYS A 32 -27.88 -0.27 -7.20
CA LYS A 32 -27.72 -1.10 -6.02
C LYS A 32 -26.48 -1.99 -6.11
N LEU A 33 -25.88 -2.20 -4.96
CA LEU A 33 -24.67 -3.02 -4.86
C LEU A 33 -25.01 -4.21 -3.96
N ALA A 34 -24.72 -5.43 -4.43
CA ALA A 34 -24.83 -6.61 -3.56
C ALA A 34 -23.48 -7.00 -3.02
N GLU A 35 -23.37 -7.12 -1.70
CA GLU A 35 -22.10 -7.54 -1.10
C GLU A 35 -22.24 -8.90 -0.41
N THR A 36 -21.17 -9.70 -0.41
CA THR A 36 -21.15 -10.99 0.21
C THR A 36 -21.37 -10.90 1.72
N TRP A 37 -20.90 -9.82 2.34
CA TRP A 37 -20.81 -9.77 3.79
C TRP A 37 -22.14 -9.50 4.42
N GLY A 38 -22.31 -9.92 5.67
CA GLY A 38 -23.47 -9.55 6.47
C GLY A 38 -23.50 -8.05 6.71
N PRO A 39 -24.58 -7.56 7.33
CA PRO A 39 -24.79 -6.14 7.55
C PRO A 39 -23.79 -5.57 8.57
N ASN A 40 -23.43 -4.29 8.46
CA ASN A 40 -22.45 -3.66 9.37
C ASN A 40 -21.19 -4.48 9.58
N PHE A 41 -20.66 -5.05 8.52
CA PHE A 41 -19.47 -5.90 8.64
C PHE A 41 -18.30 -4.95 8.61
N PRO A 42 -17.45 -5.00 9.64
CA PRO A 42 -16.39 -3.97 9.62
C PRO A 42 -15.35 -4.20 8.55
N ILE A 43 -14.74 -3.10 8.08
CA ILE A 43 -13.63 -3.09 7.13
C ILE A 43 -14.16 -3.42 5.75
N PHE A 44 -14.71 -4.62 5.57
CA PHE A 44 -15.23 -4.99 4.23
C PHE A 44 -16.47 -4.17 3.90
N GLY A 45 -17.40 -4.14 4.84
CA GLY A 45 -18.59 -3.32 4.71
C GLY A 45 -18.28 -1.83 4.75
N ASP A 46 -17.14 -1.44 5.34
CA ASP A 46 -16.74 -0.02 5.33
C ASP A 46 -16.30 0.41 3.92
N ALA A 47 -15.61 -0.48 3.19
CA ALA A 47 -15.14 -0.15 1.84
C ALA A 47 -16.27 0.15 0.87
N THR A 48 -17.35 -0.62 0.94
CA THR A 48 -18.53 -0.38 0.13
C THR A 48 -19.25 0.92 0.51
N LYS A 49 -19.45 1.13 1.80
CA LYS A 49 -20.11 2.34 2.27
C LYS A 49 -19.26 3.57 1.88
N ASN A 50 -17.95 3.50 2.16
CA ASN A 50 -17.01 4.55 1.80
C ASN A 50 -17.09 4.86 0.30
N MSE A 51 -17.18 3.81 -0.51
CA MSE A 51 -17.21 3.96 -1.95
C MSE A 51 -18.50 4.68 -2.33
O MSE A 51 -18.49 5.73 -2.99
CB MSE A 51 -17.08 2.60 -2.63
CG MSE A 51 -17.05 2.66 -4.16
SE MSE A 51 -18.86 2.83 -4.95
CE MSE A 51 -19.71 1.17 -4.36
H MSE A 51 -17.20 2.99 -0.24
HA MSE A 51 -16.45 4.52 -2.24
HB2 MSE A 51 -16.26 2.19 -2.33
HB3 MSE A 51 -17.83 2.05 -2.37
HG2 MSE A 51 -16.52 3.42 -4.44
HG3 MSE A 51 -16.65 1.84 -4.50
HE1 MSE A 51 -20.61 1.14 -4.68
HE2 MSE A 51 -19.21 0.43 -4.70
HE3 MSE A 51 -19.71 1.15 -3.39
N ALA A 52 -19.63 4.17 -1.84
CA ALA A 52 -20.92 4.76 -2.11
C ALA A 52 -21.05 6.21 -1.67
N LYS A 53 -20.49 6.54 -0.51
CA LYS A 53 -20.56 7.90 -0.02
C LYS A 53 -19.73 8.82 -0.92
N MSE A 54 -18.54 8.39 -1.29
CA MSE A 54 -17.67 9.19 -2.13
C MSE A 54 -18.35 9.47 -3.47
O MSE A 54 -18.25 10.57 -3.99
CB MSE A 54 -16.36 8.45 -2.41
CG MSE A 54 -15.41 8.46 -1.31
SE MSE A 54 -13.81 7.69 -1.97
CE MSE A 54 -14.01 5.89 -1.48
H MSE A 54 -18.20 7.62 -1.06
HA MSE A 54 -17.46 10.04 -1.68
HB2 MSE A 54 -16.57 7.52 -2.62
HB3 MSE A 54 -15.93 8.87 -3.17
HG2 MSE A 54 -15.23 9.37 -1.02
HG3 MSE A 54 -15.74 7.91 -0.58
HE1 MSE A 54 -13.24 5.40 -1.78
HE2 MSE A 54 -14.08 5.83 -0.53
HE3 MSE A 54 -14.80 5.54 -1.90
N VAL A 55 -19.02 8.45 -4.02
CA VAL A 55 -19.72 8.60 -5.29
C VAL A 55 -20.89 9.59 -5.17
N LYS A 56 -21.68 9.45 -4.13
CA LYS A 56 -22.79 10.36 -3.89
C LYS A 56 -22.33 11.80 -3.78
N GLU A 57 -21.28 12.02 -2.98
CA GLU A 57 -20.78 13.38 -2.77
C GLU A 57 -20.11 13.99 -4.01
N MSE A 58 -19.22 13.21 -4.63
CA MSE A 58 -18.55 13.63 -5.84
C MSE A 58 -19.53 13.88 -6.97
O MSE A 58 -19.31 14.80 -7.74
CB MSE A 58 -17.54 12.56 -6.28
CG MSE A 58 -16.30 12.53 -5.41
SE MSE A 58 -14.85 11.60 -6.22
CE MSE A 58 -15.43 9.79 -5.86
H MSE A 58 -19.00 12.43 -4.36
HA MSE A 58 -18.05 14.46 -5.66
HB2 MSE A 58 -17.97 11.70 -6.24
HB3 MSE A 58 -17.27 12.74 -7.19
HG2 MSE A 58 -16.01 13.43 -5.23
HG3 MSE A 58 -16.52 12.08 -4.58
HE1 MSE A 58 -14.78 9.18 -6.21
HE2 MSE A 58 -15.50 9.68 -4.91
HE3 MSE A 58 -16.28 9.64 -6.27
N SER A 59 -20.61 13.09 -7.05
CA SER A 59 -21.63 13.29 -8.11
C SER A 59 -22.72 14.31 -7.80
N ASN A 60 -22.64 14.94 -6.63
CA ASN A 60 -23.72 15.79 -6.14
C ASN A 60 -25.08 15.11 -6.24
N GLY A 61 -25.14 13.82 -5.91
CA GLY A 61 -26.38 13.06 -5.89
C GLY A 61 -26.83 12.46 -7.23
N ARG A 62 -26.07 12.68 -8.29
CA ARG A 62 -26.44 12.17 -9.62
C ARG A 62 -26.24 10.66 -9.73
N LEU A 63 -25.28 10.11 -8.99
CA LEU A 63 -25.19 8.67 -8.87
C LEU A 63 -25.24 8.25 -7.40
N THR A 64 -26.28 7.52 -7.02
CA THR A 64 -26.32 6.93 -5.70
C THR A 64 -26.45 5.39 -5.71
N ILE A 65 -25.76 4.77 -4.77
CA ILE A 65 -25.63 3.33 -4.73
C ILE A 65 -26.14 2.80 -3.37
N ARG A 66 -27.28 2.12 -3.40
CA ARG A 66 -27.75 1.39 -2.22
C ARG A 66 -26.97 0.10 -2.05
N ILE A 67 -26.57 -0.19 -0.82
CA ILE A 67 -25.81 -1.40 -0.53
C ILE A 67 -26.72 -2.44 0.13
N ASP A 68 -26.83 -3.62 -0.48
CA ASP A 68 -27.51 -4.76 0.11
C ASP A 68 -26.54 -5.81 0.59
N SER A 69 -26.64 -6.12 1.86
CA SER A 69 -25.74 -7.08 2.48
C SER A 69 -26.43 -8.42 2.44
N SER A 70 -25.73 -9.45 2.89
CA SER A 70 -26.30 -10.80 2.83
C SER A 70 -27.68 -10.96 3.49
N ASN A 71 -28.02 -10.14 4.50
CA ASN A 71 -29.32 -10.28 5.17
C ASN A 71 -30.45 -9.83 4.25
N LYS A 72 -30.13 -8.97 3.30
CA LYS A 72 -31.12 -8.43 2.38
C LYS A 72 -31.30 -9.32 1.15
N HIS A 73 -30.22 -9.62 0.43
CA HIS A 73 -30.35 -10.42 -0.82
C HIS A 73 -30.35 -11.95 -0.62
N LYS A 74 -29.97 -12.45 0.57
CA LYS A 74 -30.04 -13.88 0.90
C LYS A 74 -29.09 -14.80 0.15
N SER A 75 -28.03 -14.26 -0.43
CA SER A 75 -27.15 -15.07 -1.25
C SER A 75 -25.72 -14.55 -1.19
N ALA A 76 -25.06 -14.81 -0.06
CA ALA A 76 -23.68 -14.39 0.13
C ALA A 76 -22.80 -14.68 -1.10
N LEU A 77 -22.96 -15.86 -1.70
CA LEU A 77 -22.11 -16.23 -2.83
C LEU A 77 -22.87 -16.15 -4.15
N GLY A 78 -23.89 -15.29 -4.21
CA GLY A 78 -24.67 -15.14 -5.42
C GLY A 78 -24.25 -13.89 -6.20
N ILE A 79 -23.16 -13.24 -5.75
CA ILE A 79 -22.84 -11.91 -6.20
C ILE A 79 -22.48 -11.91 -7.69
N PHE A 80 -21.69 -12.89 -8.11
CA PHE A 80 -21.28 -12.99 -9.52
C PHE A 80 -22.54 -13.08 -10.40
N ASP A 81 -23.48 -13.96 -10.04
CA ASP A 81 -24.70 -14.07 -10.83
C ASP A 81 -25.56 -12.80 -10.84
N PHE A 82 -25.60 -12.10 -9.71
CA PHE A 82 -26.38 -10.87 -9.56
C PHE A 82 -25.88 -9.78 -10.52
N VAL A 83 -24.58 -9.62 -10.59
CA VAL A 83 -23.96 -8.60 -11.43
C VAL A 83 -23.94 -8.99 -12.93
N LYS A 84 -23.65 -10.24 -13.26
CA LYS A 84 -23.76 -10.71 -14.64
C LYS A 84 -25.15 -10.44 -15.23
N SER A 85 -26.18 -10.75 -14.47
CA SER A 85 -27.55 -10.61 -14.98
C SER A 85 -27.98 -9.15 -15.00
N GLY A 86 -27.30 -8.31 -14.21
CA GLY A 86 -27.70 -6.93 -14.05
C GLY A 86 -28.84 -6.72 -13.06
N GLN A 87 -29.29 -7.78 -12.40
CA GLN A 87 -30.23 -7.57 -11.30
C GLN A 87 -29.63 -6.57 -10.28
N TYR A 88 -28.34 -6.70 -10.05
CA TYR A 88 -27.58 -5.65 -9.35
C TYR A 88 -26.57 -5.05 -10.31
N GLN A 89 -26.41 -3.73 -10.24
CA GLN A 89 -25.42 -3.06 -11.09
C GLN A 89 -24.01 -3.32 -10.60
N MSE A 90 -23.86 -3.57 -9.30
CA MSE A 90 -22.53 -3.77 -8.71
C MSE A 90 -22.51 -4.83 -7.66
O MSE A 90 -23.54 -5.18 -7.06
CB MSE A 90 -22.03 -2.47 -8.05
CG MSE A 90 -21.80 -1.34 -8.98
SE MSE A 90 -21.20 0.22 -7.93
CE MSE A 90 -19.45 -0.50 -7.60
H MSE A 90 -24.50 -3.62 -8.73
HA MSE A 90 -21.90 -4.00 -9.43
HB2 MSE A 90 -22.69 -2.18 -7.39
HB3 MSE A 90 -21.18 -2.65 -7.60
HG2 MSE A 90 -21.10 -1.57 -9.61
HG3 MSE A 90 -22.62 -1.11 -9.44
HE1 MSE A 90 -18.94 0.14 -7.07
HE2 MSE A 90 -19.53 -1.32 -7.12
HE3 MSE A 90 -19.01 -0.64 -8.44
N GLY A 91 -21.32 -5.34 -7.39
CA GLY A 91 -21.13 -6.28 -6.30
C GLY A 91 -19.82 -5.97 -5.59
N HIS A 92 -19.65 -6.57 -4.41
CA HIS A 92 -18.42 -6.55 -3.67
C HIS A 92 -18.23 -7.92 -3.03
N SER A 93 -17.09 -8.54 -3.34
CA SER A 93 -16.89 -9.93 -3.01
C SER A 93 -15.41 -10.28 -3.17
N ALA A 94 -15.11 -11.54 -3.46
CA ALA A 94 -13.75 -11.94 -3.77
C ALA A 94 -13.74 -12.76 -5.04
N SER A 95 -12.81 -12.44 -5.94
CA SER A 95 -12.69 -13.13 -7.23
C SER A 95 -12.54 -14.63 -7.07
N TYR A 96 -11.81 -15.08 -6.05
CA TYR A 96 -11.56 -16.49 -5.92
C TYR A 96 -12.79 -17.28 -5.46
N TYR A 97 -13.88 -16.60 -5.15
CA TYR A 97 -15.10 -17.37 -4.81
C TYR A 97 -15.65 -18.04 -6.07
N TRP A 98 -15.29 -17.53 -7.26
CA TRP A 98 -15.92 -18.00 -8.47
C TRP A 98 -15.15 -19.11 -9.15
N LYS A 99 -14.30 -19.78 -8.38
CA LYS A 99 -13.46 -20.80 -8.98
C LYS A 99 -14.24 -21.90 -9.62
N GLY A 100 -15.39 -22.24 -9.04
CA GLY A 100 -16.28 -23.20 -9.66
C GLY A 100 -16.79 -22.81 -11.03
N LYS A 101 -16.86 -21.51 -11.29
CA LYS A 101 -17.40 -21.01 -12.55
C LYS A 101 -16.30 -20.89 -13.57
N ASN A 102 -15.09 -20.62 -13.10
CA ASN A 102 -13.95 -20.38 -13.96
C ASN A 102 -12.73 -20.32 -13.08
N PHE A 103 -11.88 -21.35 -13.14
CA PHE A 103 -10.75 -21.42 -12.21
C PHE A 103 -9.81 -20.22 -12.33
N ASN A 104 -9.84 -19.53 -13.45
CA ASN A 104 -8.94 -18.37 -13.62
C ASN A 104 -9.30 -17.19 -12.72
N THR A 105 -10.52 -17.18 -12.20
CA THR A 105 -10.91 -16.16 -11.23
C THR A 105 -10.13 -16.22 -9.90
N MSE A 106 -9.54 -17.37 -9.58
CA MSE A 106 -8.80 -17.52 -8.32
C MSE A 106 -7.58 -16.60 -8.18
O MSE A 106 -7.29 -16.11 -7.09
CB MSE A 106 -8.29 -18.97 -8.17
CG MSE A 106 -9.39 -19.99 -7.89
SE MSE A 106 -8.59 -21.71 -7.43
CE MSE A 106 -7.86 -22.22 -9.17
H MSE A 106 -9.55 -18.08 -10.08
HA MSE A 106 -9.41 -17.35 -7.58
HB2 MSE A 106 -7.85 -19.23 -8.99
HB3 MSE A 106 -7.67 -19.00 -7.43
HG2 MSE A 106 -9.93 -19.69 -7.14
HG3 MSE A 106 -9.94 -20.11 -8.68
HE1 MSE A 106 -7.43 -23.07 -9.10
HE2 MSE A 106 -8.59 -22.28 -9.81
HE3 MSE A 106 -7.23 -21.56 -9.45
N PHE A 107 -6.88 -16.38 -9.28
CA PHE A 107 -5.55 -15.79 -9.22
C PHE A 107 -5.53 -14.27 -9.06
N PHE A 108 -6.70 -13.61 -9.19
CA PHE A 108 -6.79 -12.17 -9.02
C PHE A 108 -7.07 -11.75 -7.57
N THR A 109 -7.24 -12.74 -6.69
CA THR A 109 -7.47 -12.48 -5.29
C THR A 109 -6.14 -12.55 -4.54
N THR A 110 -5.51 -13.72 -4.58
CA THR A 110 -4.14 -13.93 -4.08
C THR A 110 -3.77 -15.37 -4.44
N VAL A 111 -2.50 -15.74 -4.26
CA VAL A 111 -2.09 -17.14 -4.38
C VAL A 111 -1.09 -17.52 -3.28
N PRO A 112 -1.16 -18.77 -2.80
CA PRO A 112 -0.24 -19.27 -1.78
C PRO A 112 1.20 -19.02 -2.21
N PHE A 113 2.02 -18.55 -1.28
CA PHE A 113 3.42 -18.22 -1.57
C PHE A 113 3.60 -17.11 -2.62
N GLY A 114 2.54 -16.35 -2.87
CA GLY A 114 2.61 -15.25 -3.83
C GLY A 114 3.00 -13.90 -3.26
N MSE A 115 2.43 -12.86 -3.84
CA MSE A 115 2.87 -11.49 -3.54
C MSE A 115 2.20 -10.93 -2.31
O MSE A 115 1.05 -11.28 -2.01
CB MSE A 115 2.58 -10.58 -4.73
CG MSE A 115 3.66 -10.70 -5.76
SE MSE A 115 3.31 -9.67 -7.36
CE MSE A 115 2.00 -10.80 -8.15
H MSE A 115 1.78 -12.90 -4.39
HA MSE A 115 3.84 -11.51 -3.38
HB2 MSE A 115 1.74 -10.81 -5.13
HB3 MSE A 115 2.57 -9.65 -4.42
HG2 MSE A 115 4.51 -10.40 -5.39
HG3 MSE A 115 3.74 -11.63 -6.02
HE1 MSE A 115 1.71 -10.41 -8.99
HE2 MSE A 115 2.39 -11.66 -8.32
HE3 MSE A 115 1.25 -10.88 -7.56
N ILE A 116 2.92 -10.08 -1.59
CA ILE A 116 2.32 -9.29 -0.53
C ILE A 116 1.55 -8.16 -1.14
N ALA A 117 0.84 -7.39 -0.32
CA ALA A 117 -0.11 -6.41 -0.85
C ALA A 117 0.56 -5.33 -1.69
N SER A 118 1.67 -4.78 -1.21
CA SER A 118 2.27 -3.65 -1.92
C SER A 118 2.77 -4.13 -3.29
N GLU A 119 3.24 -5.36 -3.33
CA GLU A 119 3.67 -5.97 -4.61
C GLU A 119 2.50 -6.20 -5.55
N GLN A 120 1.41 -6.71 -5.02
CA GLN A 120 0.27 -7.04 -5.85
C GLN A 120 -0.36 -5.79 -6.44
N HIS A 121 -0.30 -4.67 -5.72
CA HIS A 121 -0.80 -3.43 -6.28
C HIS A 121 0.03 -2.97 -7.49
N ALA A 122 1.34 -3.10 -7.40
CA ALA A 122 2.23 -2.83 -8.50
C ALA A 122 1.85 -3.72 -9.66
N TRP A 123 1.62 -4.99 -9.35
CA TRP A 123 1.30 -5.95 -10.38
C TRP A 123 -0.01 -5.57 -11.08
N PHE A 124 -1.04 -5.23 -10.30
CA PHE A 124 -2.36 -4.86 -10.84
C PHE A 124 -2.31 -3.63 -11.75
N TYR A 125 -1.78 -2.54 -11.21
CA TYR A 125 -1.85 -1.25 -11.85
C TYR A 125 -0.73 -0.96 -12.87
N TYR A 126 0.38 -1.68 -12.79
CA TYR A 126 1.52 -1.42 -13.64
C TYR A 126 2.13 -2.67 -14.26
N GLY A 127 1.81 -3.84 -13.75
CA GLY A 127 2.46 -5.05 -14.22
C GLY A 127 1.59 -5.87 -15.11
N GLY A 128 0.43 -5.31 -15.48
CA GLY A 128 -0.45 -5.97 -16.42
C GLY A 128 -1.61 -6.73 -15.82
N GLY A 129 -1.80 -6.61 -14.50
CA GLY A 129 -2.82 -7.37 -13.80
C GLY A 129 -4.23 -6.93 -14.15
N MSE A 130 -4.48 -5.62 -14.18
CA MSE A 130 -5.82 -5.13 -14.52
C MSE A 130 -6.29 -5.68 -15.90
O MSE A 130 -7.44 -6.05 -16.08
CB MSE A 130 -5.87 -3.59 -14.60
CG MSE A 130 -5.88 -2.86 -13.28
SE MSE A 130 -7.38 -3.32 -12.12
CE MSE A 130 -8.88 -3.11 -13.30
H MSE A 130 -3.91 -5.00 -14.00
HA MSE A 130 -6.47 -5.42 -13.83
HB2 MSE A 130 -5.09 -3.29 -15.09
HB3 MSE A 130 -6.67 -3.33 -15.08
HG2 MSE A 130 -5.06 -3.07 -12.80
HG3 MSE A 130 -5.92 -1.91 -13.45
HE1 MSE A 130 -9.68 -3.31 -12.82
HE2 MSE A 130 -8.90 -2.21 -13.61
HE3 MSE A 130 -8.78 -3.71 -14.04
N GLU A 131 -5.36 -5.68 -16.84
CA GLU A 131 -5.63 -6.09 -18.22
C GLU A 131 -5.92 -7.59 -18.33
N LEU A 132 -5.19 -8.41 -17.59
CA LEU A 132 -5.48 -9.86 -17.54
C LEU A 132 -6.86 -10.10 -16.90
N MSE A 133 -7.18 -9.33 -15.86
CA MSE A 133 -8.45 -9.48 -15.20
C MSE A 133 -9.62 -9.15 -16.11
O MSE A 133 -10.66 -9.83 -16.11
CB MSE A 133 -8.49 -8.62 -13.93
CG MSE A 133 -9.78 -8.81 -13.18
SE MSE A 133 -9.65 -8.26 -11.30
CE MSE A 133 -9.29 -6.45 -11.57
H MSE A 133 -6.68 -8.72 -15.54
HA MSE A 133 -8.54 -10.42 -14.92
HB2 MSE A 133 -7.76 -8.88 -13.34
HB3 MSE A 133 -8.41 -7.68 -14.17
HG2 MSE A 133 -10.47 -8.28 -13.60
HG3 MSE A 133 -10.02 -9.76 -13.20
HE1 MSE A 133 -9.20 -6.02 -10.72
HE2 MSE A 133 -8.48 -6.37 -12.07
HE3 MSE A 133 -10.02 -6.05 -12.06
N LYS A 134 -9.42 -8.12 -16.93
CA LYS A 134 -10.42 -7.67 -17.91
C LYS A 134 -10.64 -8.76 -18.97
N LYS A 135 -9.55 -9.42 -19.40
CA LYS A 135 -9.68 -10.50 -20.40
C LYS A 135 -10.47 -11.69 -19.83
N VAL A 136 -10.34 -11.96 -18.54
CA VAL A 136 -11.07 -13.08 -17.94
C VAL A 136 -12.54 -12.69 -17.76
N TYR A 137 -12.79 -11.49 -17.26
CA TYR A 137 -14.13 -11.10 -16.86
C TYR A 137 -15.02 -10.55 -17.96
N ASP A 138 -14.41 -10.03 -19.02
CA ASP A 138 -15.17 -9.45 -20.15
C ASP A 138 -16.12 -10.44 -20.76
N GLN A 139 -15.71 -11.70 -20.76
CA GLN A 139 -16.55 -12.74 -21.36
C GLN A 139 -17.90 -12.82 -20.67
N TYR A 140 -18.00 -12.33 -19.43
CA TYR A 140 -19.26 -12.38 -18.68
C TYR A 140 -20.04 -11.08 -18.71
N GLY A 141 -19.50 -10.07 -19.38
CA GLY A 141 -20.08 -8.74 -19.35
C GLY A 141 -19.96 -8.15 -17.93
N ILE A 142 -18.90 -8.56 -17.24
CA ILE A 142 -18.58 -8.05 -15.91
C ILE A 142 -17.21 -7.31 -15.93
N MSE A 143 -17.17 -6.16 -15.28
CA MSE A 143 -15.93 -5.42 -15.06
C MSE A 143 -15.55 -5.68 -13.63
O MSE A 143 -16.41 -5.60 -12.72
CB MSE A 143 -16.12 -3.91 -15.30
CG MSE A 143 -16.75 -3.51 -16.64
SE MSE A 143 -17.40 -1.67 -16.56
CE MSE A 143 -15.76 -0.70 -16.91
H MSE A 143 -17.86 -5.77 -14.94
HA MSE A 143 -15.22 -5.76 -15.66
HB2 MSE A 143 -16.68 -3.56 -14.61
HB3 MSE A 143 -15.24 -3.49 -15.26
HG2 MSE A 143 -16.08 -3.58 -17.34
HG3 MSE A 143 -17.49 -4.10 -16.82
HE1 MSE A 143 -15.95 0.23 -16.90
HE2 MSE A 143 -15.12 -0.92 -16.23
HE3 MSE A 143 -15.43 -0.97 -17.78
N SER A 144 -14.30 -6.06 -13.42
CA SER A 144 -13.81 -6.33 -12.08
C SER A 144 -12.68 -5.38 -11.76
N PHE A 145 -12.69 -4.89 -10.51
CA PHE A 145 -11.73 -3.90 -9.97
C PHE A 145 -11.28 -4.33 -8.59
N PRO A 146 -10.03 -3.99 -8.20
CA PRO A 146 -9.55 -4.21 -6.83
C PRO A 146 -10.58 -3.69 -5.83
N GLY A 147 -10.92 -4.46 -4.79
CA GLY A 147 -11.95 -4.04 -3.84
C GLY A 147 -11.48 -3.92 -2.38
N GLY A 148 -10.17 -4.04 -2.18
CA GLY A 148 -9.53 -3.85 -0.88
C GLY A 148 -8.64 -4.99 -0.47
N ASN A 149 -7.43 -4.68 0.04
CA ASN A 149 -6.52 -5.72 0.51
C ASN A 149 -6.57 -5.85 2.01
N THR A 150 -6.47 -7.10 2.48
CA THR A 150 -6.37 -7.40 3.90
C THR A 150 -4.91 -7.43 4.35
N GLY A 151 -3.98 -7.43 3.41
CA GLY A 151 -2.62 -7.80 3.75
C GLY A 151 -2.51 -9.30 4.05
N ASN A 152 -1.42 -9.70 4.67
CA ASN A 152 -1.07 -11.11 4.78
C ASN A 152 -1.99 -11.77 5.81
N GLN A 153 -2.56 -12.92 5.48
CA GLN A 153 -3.58 -13.49 6.38
C GLN A 153 -2.99 -14.59 7.26
N MSE A 154 -3.64 -14.83 8.41
CA MSE A 154 -3.21 -15.86 9.32
C MSE A 154 -3.64 -17.22 8.76
O MSE A 154 -4.55 -17.28 7.93
CB MSE A 154 -3.80 -15.62 10.74
CG MSE A 154 -3.29 -14.32 11.38
SE MSE A 154 -1.46 -14.50 11.92
CE MSE A 154 -1.77 -15.80 13.33
H MSE A 154 -4.32 -14.38 8.68
HA MSE A 154 -2.24 -15.84 9.39
HB2 MSE A 154 -4.76 -15.57 10.67
HB3 MSE A 154 -3.54 -16.35 11.32
HG2 MSE A 154 -3.36 -13.59 10.74
HG3 MSE A 154 -3.83 -14.11 12.16
HE1 MSE A 154 -0.94 -16.03 13.73
HE2 MSE A 154 -2.36 -15.42 13.98
HE3 MSE A 154 -2.18 -16.59 12.95
N GLY A 155 -2.95 -18.29 9.19
CA GLY A 155 -3.20 -19.64 8.72
C GLY A 155 -4.56 -20.20 9.15
N GLY A 156 -5.09 -19.65 10.25
CA GLY A 156 -6.42 -20.02 10.70
C GLY A 156 -6.50 -20.56 12.10
N TRP A 157 -7.71 -21.01 12.41
CA TRP A 157 -8.10 -21.44 13.71
C TRP A 157 -8.38 -22.96 13.72
N PHE A 158 -7.73 -23.66 14.64
CA PHE A 158 -7.68 -25.10 14.63
C PHE A 158 -8.03 -25.58 16.02
N LYS A 159 -8.85 -26.63 16.07
CA LYS A 159 -9.18 -27.26 17.34
C LYS A 159 -8.04 -28.13 17.86
N LYS A 160 -7.25 -28.67 16.96
CA LYS A 160 -6.13 -29.55 17.33
C LYS A 160 -4.94 -29.13 16.52
N GLU A 161 -3.74 -29.32 17.08
CA GLU A 161 -2.53 -28.91 16.38
C GLU A 161 -2.23 -29.79 15.19
N ILE A 162 -1.65 -29.19 14.17
CA ILE A 162 -1.19 -29.88 12.99
C ILE A 162 0.28 -30.26 13.18
N ASN A 163 0.54 -31.54 13.46
CA ASN A 163 1.90 -32.03 13.75
C ASN A 163 2.57 -32.80 12.60
N SER A 164 1.77 -33.30 11.67
CA SER A 164 2.31 -33.98 10.49
C SER A 164 1.30 -33.88 9.34
N VAL A 165 1.71 -34.30 8.16
CA VAL A 165 0.84 -34.26 7.00
C VAL A 165 -0.35 -35.19 7.23
N GLU A 166 -0.16 -36.19 8.08
CA GLU A 166 -1.23 -37.13 8.38
C GLU A 166 -2.43 -36.39 9.04
N ASP A 167 -2.14 -35.38 9.86
CA ASP A 167 -3.18 -34.52 10.46
C ASP A 167 -4.03 -33.75 9.46
N LEU A 168 -3.56 -33.63 8.22
CA LEU A 168 -4.34 -32.95 7.18
C LEU A 168 -5.34 -33.90 6.52
N LYS A 169 -5.10 -35.21 6.63
CA LYS A 169 -5.94 -36.17 5.93
C LYS A 169 -7.34 -36.26 6.53
N GLY A 170 -8.34 -35.90 5.73
CA GLY A 170 -9.70 -35.89 6.21
C GLY A 170 -10.05 -34.64 6.99
N LEU A 171 -9.09 -33.74 7.13
CA LEU A 171 -9.35 -32.49 7.83
C LEU A 171 -10.37 -31.66 7.06
N LYS A 172 -11.51 -31.42 7.70
CA LYS A 172 -12.54 -30.54 7.15
C LYS A 172 -12.28 -29.10 7.47
N MSE A 173 -11.94 -28.30 6.45
CA MSE A 173 -11.51 -26.94 6.73
C MSE A 173 -12.15 -25.92 5.80
O MSE A 173 -12.14 -26.11 4.58
CB MSE A 173 -9.98 -26.83 6.61
CG MSE A 173 -9.45 -25.45 6.82
SE MSE A 173 -7.50 -25.30 6.78
CE MSE A 173 -7.42 -23.46 7.37
H MSE A 173 -11.96 -28.51 5.62
HA MSE A 173 -11.75 -26.71 7.65
HB2 MSE A 173 -9.57 -27.41 7.28
HB3 MSE A 173 -9.71 -27.12 5.73
HG2 MSE A 173 -9.80 -24.87 6.12
HG3 MSE A 173 -9.75 -25.12 7.68
HE1 MSE A 173 -6.50 -23.19 7.42
HE2 MSE A 173 -7.89 -22.91 6.74
HE3 MSE A 173 -7.82 -23.40 8.23
N ARG A 174 -12.71 -24.85 6.35
CA ARG A 174 -13.11 -23.73 5.52
C ARG A 174 -11.89 -22.92 5.09
N ILE A 175 -11.61 -22.97 3.78
CA ILE A 175 -10.50 -22.25 3.18
C ILE A 175 -10.78 -22.14 1.67
N PRO A 176 -10.80 -20.91 1.14
CA PRO A 176 -11.11 -20.69 -0.28
C PRO A 176 -9.90 -20.73 -1.21
N GLY A 177 -10.20 -20.50 -2.49
CA GLY A 177 -9.19 -20.23 -3.47
C GLY A 177 -8.24 -21.37 -3.69
N PHE A 178 -7.07 -21.00 -4.16
CA PHE A 178 -6.10 -21.98 -4.59
C PHE A 178 -5.55 -22.80 -3.42
N ALA A 179 -5.45 -22.19 -2.23
CA ALA A 179 -4.99 -22.96 -1.06
C ALA A 179 -5.93 -24.16 -0.78
N GLY A 180 -7.21 -23.98 -1.05
CA GLY A 180 -8.18 -25.06 -0.86
C GLY A 180 -7.82 -26.24 -1.75
N GLU A 181 -7.46 -25.94 -2.99
CA GLU A 181 -7.07 -26.97 -3.94
C GLU A 181 -5.77 -27.65 -3.49
N VAL A 182 -4.84 -26.86 -2.98
CA VAL A 182 -3.58 -27.38 -2.48
C VAL A 182 -3.80 -28.37 -1.31
N LEU A 183 -4.57 -27.96 -0.30
CA LEU A 183 -4.79 -28.85 0.84
C LEU A 183 -5.58 -30.10 0.44
N ALA A 184 -6.49 -29.96 -0.53
CA ALA A 184 -7.22 -31.13 -1.06
C ALA A 184 -6.24 -32.14 -1.66
N LYS A 185 -5.18 -31.63 -2.30
CA LYS A 185 -4.22 -32.53 -2.93
C LYS A 185 -3.53 -33.34 -1.86
N LEU A 186 -3.45 -32.77 -0.65
CA LEU A 186 -2.87 -33.45 0.49
C LEU A 186 -3.91 -34.20 1.36
N GLY A 187 -5.14 -34.32 0.89
CA GLY A 187 -6.10 -35.14 1.59
C GLY A 187 -7.10 -34.41 2.45
N ALA A 188 -6.95 -33.09 2.58
CA ALA A 188 -7.95 -32.30 3.28
C ALA A 188 -9.26 -32.19 2.51
N LYS A 189 -10.30 -31.74 3.21
CA LYS A 189 -11.62 -31.54 2.63
C LYS A 189 -12.01 -30.08 2.78
N PRO A 190 -11.61 -29.25 1.80
CA PRO A 190 -11.98 -27.85 1.96
C PRO A 190 -13.44 -27.60 1.65
N THR A 191 -13.95 -26.50 2.19
CA THR A 191 -15.24 -25.97 1.77
C THR A 191 -15.17 -24.43 1.81
N ASN A 192 -16.17 -23.78 1.20
CA ASN A 192 -16.23 -22.32 1.15
C ASN A 192 -17.48 -21.78 1.81
N ILE A 193 -17.70 -22.24 3.03
CA ILE A 193 -18.73 -21.71 3.88
C ILE A 193 -18.52 -20.18 4.03
N PRO A 194 -19.60 -19.39 3.86
CA PRO A 194 -19.65 -17.92 4.04
C PRO A 194 -19.46 -17.45 5.49
N SER A 195 -19.03 -16.20 5.64
CA SER A 195 -18.67 -15.64 6.94
C SER A 195 -19.72 -15.80 8.05
N GLY A 196 -20.99 -15.55 7.73
CA GLY A 196 -22.06 -15.64 8.71
C GLY A 196 -22.29 -17.06 9.25
N GLU A 197 -21.80 -18.06 8.55
CA GLU A 197 -22.04 -19.45 8.94
C GLU A 197 -20.79 -20.15 9.52
N LEU A 198 -19.68 -19.44 9.61
CA LEU A 198 -18.42 -20.06 9.96
C LEU A 198 -18.41 -20.57 11.41
N TYR A 199 -18.88 -19.75 12.36
CA TYR A 199 -18.82 -20.15 13.76
C TYR A 199 -19.70 -21.37 14.03
N THR A 200 -20.94 -21.32 13.58
CA THR A 200 -21.82 -22.45 13.75
C THR A 200 -21.24 -23.74 13.18
N ALA A 201 -20.67 -23.67 11.99
CA ALA A 201 -20.12 -24.86 11.35
C ALA A 201 -18.95 -25.44 12.18
N LEU A 202 -18.13 -24.56 12.73
CA LEU A 202 -17.01 -24.98 13.56
C LEU A 202 -17.51 -25.58 14.88
N GLU A 203 -18.50 -24.91 15.48
CA GLU A 203 -19.11 -25.37 16.72
C GLU A 203 -19.68 -26.80 16.54
N ARG A 204 -20.21 -27.09 15.37
CA ARG A 204 -20.85 -28.38 15.15
C ARG A 204 -19.91 -29.48 14.64
N ASN A 205 -18.67 -29.11 14.36
CA ASN A 205 -17.71 -30.03 13.78
C ASN A 205 -18.09 -30.38 12.37
N THR A 206 -18.84 -29.49 11.74
CA THR A 206 -19.01 -29.60 10.30
C THR A 206 -17.66 -29.25 9.65
N ILE A 207 -16.91 -28.35 10.27
CA ILE A 207 -15.50 -28.14 9.95
C ILE A 207 -14.69 -28.29 11.21
N ASP A 208 -13.44 -28.73 11.04
CA ASP A 208 -12.51 -28.95 12.14
C ASP A 208 -11.60 -27.76 12.29
N ALA A 209 -11.58 -26.91 11.27
CA ALA A 209 -10.70 -25.74 11.28
C ALA A 209 -11.21 -24.79 10.23
N LEU A 210 -10.74 -23.55 10.28
CA LEU A 210 -11.11 -22.58 9.27
C LEU A 210 -10.06 -21.50 9.26
N GLU A 211 -10.04 -20.75 8.17
CA GLU A 211 -9.33 -19.50 8.17
C GLU A 211 -10.31 -18.45 7.70
N TRP A 212 -10.10 -17.22 8.16
CA TRP A 212 -10.90 -16.11 7.66
C TRP A 212 -9.96 -15.01 7.16
N VAL A 213 -9.49 -14.13 8.04
CA VAL A 213 -8.56 -13.07 7.63
C VAL A 213 -7.34 -12.94 8.53
N GLY A 214 -7.58 -12.66 9.80
CA GLY A 214 -6.52 -12.30 10.71
C GLY A 214 -7.08 -11.48 11.86
N PRO A 215 -6.18 -10.87 12.63
CA PRO A 215 -6.57 -10.13 13.82
C PRO A 215 -7.51 -8.98 13.53
N SER A 216 -7.49 -8.46 12.31
CA SER A 216 -8.35 -7.32 12.01
C SER A 216 -9.83 -7.66 12.22
N LEU A 217 -10.18 -8.92 11.99
CA LEU A 217 -11.58 -9.35 11.92
C LEU A 217 -11.89 -10.66 12.65
N ASP A 218 -10.89 -11.49 12.93
CA ASP A 218 -11.16 -12.83 13.42
C ASP A 218 -11.69 -12.83 14.86
N LEU A 219 -11.30 -11.86 15.69
CA LEU A 219 -11.59 -12.00 17.13
C LEU A 219 -13.07 -11.81 17.42
N ARG A 220 -13.67 -10.76 16.85
CA ARG A 220 -15.09 -10.50 17.05
C ARG A 220 -15.96 -11.67 16.58
N MSE A 221 -15.46 -12.48 15.65
CA MSE A 221 -16.24 -13.61 15.12
C MSE A 221 -16.24 -14.85 16.04
O MSE A 221 -16.96 -15.81 15.80
CB MSE A 221 -15.73 -13.93 13.73
CG MSE A 221 -16.10 -12.81 12.76
SE MSE A 221 -15.02 -12.77 11.17
CE MSE A 221 -16.11 -14.04 10.14
H MSE A 221 -14.67 -12.41 15.31
HA MSE A 221 -17.16 -13.31 15.03
HB2 MSE A 221 -14.77 -14.03 13.75
HB3 MSE A 221 -16.15 -14.76 13.42
HG2 MSE A 221 -17.02 -12.92 12.49
HG3 MSE A 221 -15.98 -11.96 13.22
HE1 MSE A 221 -15.71 -14.16 9.27
HE2 MSE A 221 -16.12 -14.88 10.61
HE3 MSE A 221 -16.99 -13.68 10.05
N GLY A 222 -15.41 -14.83 17.07
CA GLY A 222 -15.55 -15.74 18.22
C GLY A 222 -14.88 -17.10 18.07
N PHE A 223 -14.15 -17.31 16.98
CA PHE A 223 -13.60 -18.63 16.68
C PHE A 223 -12.72 -19.07 17.82
N HIS A 224 -12.02 -18.11 18.41
CA HIS A 224 -11.13 -18.42 19.51
C HIS A 224 -11.81 -19.21 20.66
N LYS A 225 -13.13 -19.05 20.85
CA LYS A 225 -13.86 -19.76 21.93
C LYS A 225 -13.82 -21.28 21.85
N ILE A 226 -13.70 -21.79 20.64
CA ILE A 226 -13.77 -23.22 20.41
C ILE A 226 -12.63 -23.78 19.57
N ALA A 227 -11.78 -22.89 19.05
CA ALA A 227 -10.59 -23.32 18.36
C ALA A 227 -9.44 -22.46 18.86
N PRO A 228 -8.64 -23.02 19.77
CA PRO A 228 -7.61 -22.21 20.42
C PRO A 228 -6.27 -22.09 19.70
N TYR A 229 -5.98 -22.91 18.68
CA TYR A 229 -4.69 -22.81 17.99
C TYR A 229 -4.80 -21.88 16.78
N TYR A 230 -4.00 -20.81 16.81
CA TYR A 230 -4.07 -19.77 15.81
C TYR A 230 -2.77 -19.83 15.00
N TYR A 231 -2.87 -20.23 13.75
CA TYR A 231 -1.72 -20.55 12.95
C TYR A 231 -1.29 -19.38 12.13
N THR A 232 0.02 -19.26 11.91
CA THR A 232 0.55 -18.25 11.01
C THR A 232 0.35 -18.66 9.52
N GLY A 233 0.48 -17.69 8.61
CA GLY A 233 0.09 -17.82 7.20
C GLY A 233 1.13 -18.30 6.18
N TRP A 234 0.75 -18.19 4.89
CA TRP A 234 1.43 -18.85 3.77
C TRP A 234 0.53 -18.84 2.53
N HIS A 235 -0.78 -18.93 2.77
CA HIS A 235 -1.78 -19.25 1.75
C HIS A 235 -2.43 -18.00 1.13
N GLU A 236 -2.48 -16.93 1.91
CA GLU A 236 -3.07 -15.68 1.42
C GLU A 236 -2.22 -14.46 1.81
N PRO A 237 -1.12 -14.25 1.09
CA PRO A 237 -0.16 -13.17 1.46
C PRO A 237 -0.65 -11.76 1.22
N GLY A 238 -1.63 -11.60 0.33
CA GLY A 238 -2.05 -10.31 -0.16
C GLY A 238 -3.44 -10.34 -0.78
N THR A 239 -4.41 -10.72 0.04
CA THR A 239 -5.78 -10.90 -0.40
C THR A 239 -6.44 -9.60 -0.79
N GLU A 240 -6.72 -9.48 -2.08
CA GLU A 240 -7.44 -8.33 -2.59
C GLU A 240 -8.87 -8.72 -2.84
N LEU A 241 -9.81 -7.94 -2.32
CA LEU A 241 -11.21 -8.22 -2.65
C LEU A 241 -11.54 -7.67 -4.03
N GLN A 242 -12.83 -7.73 -4.38
CA GLN A 242 -13.27 -7.38 -5.71
C GLN A 242 -14.51 -6.50 -5.66
N PHE A 243 -14.53 -5.42 -6.44
CA PHE A 243 -15.78 -4.82 -6.86
C PHE A 243 -16.05 -5.38 -8.25
N MSE A 244 -17.34 -5.60 -8.53
CA MSE A 244 -17.79 -5.98 -9.87
C MSE A 244 -18.85 -4.99 -10.33
O MSE A 244 -19.69 -4.55 -9.56
CB MSE A 244 -18.40 -7.39 -9.87
CG MSE A 244 -17.34 -8.49 -9.83
SE MSE A 244 -18.02 -10.28 -9.94
CE MSE A 244 -18.92 -10.32 -8.17
H MSE A 244 -17.97 -5.54 -7.95
HA MSE A 244 -17.03 -5.97 -10.48
HB2 MSE A 244 -18.97 -7.50 -9.09
HB3 MSE A 244 -18.92 -7.51 -10.69
HG2 MSE A 244 -16.74 -8.36 -10.57
HG3 MSE A 244 -16.86 -8.42 -8.99
HE1 MSE A 244 -19.33 -11.18 -8.06
HE2 MSE A 244 -18.26 -10.17 -7.49
HE3 MSE A 244 -19.58 -9.63 -8.14
N VAL A 245 -18.79 -4.64 -11.61
CA VAL A 245 -19.76 -3.74 -12.17
C VAL A 245 -20.30 -4.34 -13.46
N ASN A 246 -21.61 -4.34 -13.61
CA ASN A 246 -22.22 -4.80 -14.84
C ASN A 246 -21.87 -3.83 -15.97
N GLN A 247 -21.24 -4.34 -17.04
CA GLN A 247 -20.73 -3.51 -18.14
C GLN A 247 -21.83 -2.64 -18.77
N LYS A 248 -23.01 -3.25 -18.99
CA LYS A 248 -24.11 -2.53 -19.58
C LYS A 248 -24.59 -1.40 -18.69
N ALA A 249 -24.60 -1.62 -17.38
CA ALA A 249 -24.97 -0.54 -16.46
C ALA A 249 -23.90 0.54 -16.52
N TYR A 250 -22.65 0.16 -16.47
CA TYR A 250 -21.58 1.14 -16.55
C TYR A 250 -21.70 1.97 -17.86
N ASN A 251 -21.94 1.31 -18.98
CA ASN A 251 -22.06 2.00 -20.26
C ASN A 251 -23.19 3.01 -20.26
N SER A 252 -24.21 2.80 -19.45
CA SER A 252 -25.36 3.70 -19.47
C SER A 252 -25.02 5.02 -18.76
N LEU A 253 -23.94 5.05 -17.98
CA LEU A 253 -23.53 6.25 -17.28
C LEU A 253 -22.89 7.28 -18.20
N PRO A 254 -23.10 8.59 -17.92
CA PRO A 254 -22.26 9.57 -18.61
C PRO A 254 -20.79 9.38 -18.23
N LYS A 255 -19.87 9.86 -19.07
CA LYS A 255 -18.45 9.65 -18.88
C LYS A 255 -17.90 10.23 -17.55
N ASP A 256 -18.46 11.34 -17.10
CA ASP A 256 -17.93 11.95 -15.85
C ASP A 256 -18.31 11.07 -14.66
N LEU A 257 -19.52 10.52 -14.67
CA LEU A 257 -19.94 9.62 -13.60
C LEU A 257 -19.20 8.28 -13.69
N GLN A 258 -18.89 7.83 -14.90
CA GLN A 258 -18.04 6.64 -15.04
C GLN A 258 -16.72 6.83 -14.31
N LYS A 259 -16.09 7.97 -14.52
CA LYS A 259 -14.79 8.21 -13.89
C LYS A 259 -14.91 8.33 -12.37
N ILE A 260 -15.98 8.99 -11.93
CA ILE A 260 -16.20 9.17 -10.51
C ILE A 260 -16.29 7.79 -9.84
N LEU A 261 -17.05 6.90 -10.48
CA LEU A 261 -17.24 5.56 -10.00
C LEU A 261 -15.89 4.86 -9.91
N THR A 262 -15.12 4.83 -11.01
CA THR A 262 -13.88 4.06 -10.98
C THR A 262 -12.83 4.63 -10.03
N VAL A 263 -12.76 5.97 -9.93
CA VAL A 263 -11.83 6.55 -8.96
C VAL A 263 -12.32 6.28 -7.52
N ALA A 264 -13.64 6.34 -7.27
CA ALA A 264 -14.14 6.02 -5.91
C ALA A 264 -13.78 4.60 -5.50
N MSE A 265 -13.87 3.66 -6.44
CA MSE A 265 -13.59 2.26 -6.11
C MSE A 265 -12.09 2.10 -5.84
O MSE A 265 -11.71 1.38 -4.92
CB MSE A 265 -14.01 1.29 -7.23
CG MSE A 265 -15.50 1.16 -7.43
SE MSE A 265 -15.91 -0.17 -8.76
CE MSE A 265 -15.28 0.78 -10.32
H MSE A 265 -14.10 3.78 -7.26
HA MSE A 265 -14.08 2.02 -5.31
HB2 MSE A 265 -13.63 1.60 -8.07
HB3 MSE A 265 -13.66 0.41 -7.03
HG2 MSE A 265 -15.91 0.89 -6.59
HG3 MSE A 265 -15.87 2.01 -7.72
HE1 MSE A 265 -15.42 0.23 -11.10
HE2 MSE A 265 -15.78 1.60 -10.40
HE3 MSE A 265 -14.35 0.97 -10.21
N LYS A 266 -11.24 2.77 -6.62
CA LYS A 266 -9.80 2.73 -6.37
C LYS A 266 -9.43 3.29 -4.95
N ALA A 267 -9.94 4.47 -4.65
CA ALA A 267 -9.68 5.11 -3.37
C ALA A 267 -10.20 4.24 -2.23
N ALA A 268 -11.44 3.73 -2.35
CA ALA A 268 -12.01 2.91 -1.26
C ALA A 268 -11.17 1.66 -1.06
N ALA A 269 -10.72 1.07 -2.17
CA ALA A 269 -9.94 -0.17 -2.10
C ALA A 269 -8.56 0.06 -1.44
N TYR A 270 -7.86 1.11 -1.84
CA TYR A 270 -6.59 1.40 -1.21
C TYR A 270 -6.78 1.67 0.28
N ASP A 271 -7.73 2.53 0.63
CA ASP A 271 -7.99 2.83 2.04
C ASP A 271 -8.31 1.57 2.82
N MSE A 272 -8.98 0.58 2.22
CA MSE A 272 -9.28 -0.63 2.98
C MSE A 272 -8.02 -1.39 3.46
O MSE A 272 -8.05 -2.05 4.50
CB MSE A 272 -10.23 -1.59 2.24
CG MSE A 272 -11.04 -2.47 3.20
SE MSE A 272 -11.69 -4.11 2.36
CE MSE A 272 -10.11 -5.12 2.47
H MSE A 272 -9.27 0.59 1.40
HA MSE A 272 -9.76 -0.35 3.79
HB2 MSE A 272 -10.84 -1.08 1.70
HB3 MSE A 272 -9.70 -2.17 1.67
HG2 MSE A 272 -10.48 -2.72 3.94
HG3 MSE A 272 -11.81 -1.96 3.51
HE1 MSE A 272 -10.26 -5.99 2.08
HE2 MSE A 272 -9.42 -4.66 1.97
HE3 MSE A 272 -9.86 -5.21 3.39
N TYR A 273 -6.93 -1.29 2.71
CA TYR A 273 -5.69 -1.90 3.11
C TYR A 273 -5.10 -1.15 4.33
N SER A 274 -5.15 0.18 4.27
CA SER A 274 -4.74 0.97 5.42
C SER A 274 -5.62 0.65 6.64
N GLN A 275 -6.94 0.49 6.46
CA GLN A 275 -7.80 0.11 7.58
C GLN A 275 -7.50 -1.29 8.08
N SER A 276 -7.28 -2.24 7.16
CA SER A 276 -6.93 -3.60 7.57
C SER A 276 -5.62 -3.56 8.37
N MSE A 277 -4.66 -2.76 7.95
CA MSE A 277 -3.40 -2.65 8.70
C MSE A 277 -3.67 -2.06 10.08
O MSE A 277 -3.23 -2.61 11.11
CB MSE A 277 -2.40 -1.76 7.98
CG MSE A 277 -1.76 -2.46 6.84
SE MSE A 277 -0.37 -3.65 7.30
CE MSE A 277 0.95 -2.31 7.89
H MSE A 277 -4.70 -2.27 7.24
HA MSE A 277 -3.00 -3.53 8.80
HB2 MSE A 277 -2.87 -0.98 7.62
HB3 MSE A 277 -1.71 -1.49 8.59
HG2 MSE A 277 -2.45 -2.97 6.37
HG3 MSE A 277 -1.39 -1.80 6.24
HE1 MSE A 277 1.76 -2.76 8.16
HE2 MSE A 277 1.15 -1.72 7.15
HE3 MSE A 277 0.59 -1.80 8.62
N HIS A 278 -4.45 -1.00 10.10
CA HIS A 278 -4.74 -0.29 11.34
C HIS A 278 -5.42 -1.23 12.31
N ALA A 279 -6.47 -1.89 11.82
CA ALA A 279 -7.28 -2.72 12.69
C ALA A 279 -6.49 -3.90 13.21
N SER A 280 -5.62 -4.43 12.36
CA SER A 280 -4.79 -5.56 12.74
C SER A 280 -3.85 -5.15 13.87
N GLY A 281 -3.32 -3.95 13.83
CA GLY A 281 -2.47 -3.50 14.93
C GLY A 281 -3.22 -3.31 16.22
N VAL A 282 -4.41 -2.72 16.14
CA VAL A 282 -5.20 -2.45 17.31
C VAL A 282 -5.61 -3.79 17.94
N ASN A 283 -5.98 -4.72 17.09
CA ASN A 283 -6.50 -5.99 17.58
C ASN A 283 -5.41 -6.93 18.01
N LEU A 284 -4.25 -6.87 17.34
CA LEU A 284 -3.12 -7.67 17.80
C LEU A 284 -2.67 -7.22 19.19
N ALA A 285 -2.73 -5.92 19.46
CA ALA A 285 -2.30 -5.43 20.77
C ALA A 285 -3.17 -6.06 21.86
N SER A 286 -4.48 -6.18 21.57
CA SER A 286 -5.43 -6.74 22.53
C SER A 286 -5.25 -8.26 22.65
N LEU A 287 -5.01 -8.91 21.53
CA LEU A 287 -4.74 -10.33 21.48
C LEU A 287 -3.56 -10.69 22.37
N LYS A 288 -2.54 -9.83 22.38
CA LYS A 288 -1.34 -10.08 23.15
C LYS A 288 -1.62 -9.98 24.65
N LYS A 289 -2.78 -9.42 25.00
CA LYS A 289 -3.03 -9.06 26.39
C LYS A 289 -4.31 -9.69 26.98
N ASP A 290 -5.30 -9.98 26.14
CA ASP A 290 -6.64 -10.27 26.62
C ASP A 290 -7.12 -11.71 26.30
N TYR A 291 -6.25 -12.53 25.71
CA TYR A 291 -6.68 -13.87 25.27
C TYR A 291 -5.75 -14.96 25.72
N PRO A 292 -5.72 -15.24 27.03
CA PRO A 292 -4.79 -16.22 27.59
C PRO A 292 -4.97 -17.64 27.02
N ASN A 293 -6.12 -17.92 26.43
CA ASN A 293 -6.37 -19.25 25.91
C ASN A 293 -6.09 -19.43 24.41
N VAL A 294 -5.75 -18.36 23.71
CA VAL A 294 -5.35 -18.48 22.31
C VAL A 294 -3.87 -18.80 22.30
N GLN A 295 -3.52 -19.82 21.54
CA GLN A 295 -2.14 -20.32 21.45
C GLN A 295 -1.68 -20.21 20.00
N MSE A 296 -0.72 -19.36 19.71
CA MSE A 296 -0.31 -19.17 18.34
C MSE A 296 0.63 -20.27 17.91
O MSE A 296 1.47 -20.70 18.68
CB MSE A 296 0.28 -17.77 18.14
CG MSE A 296 -0.84 -16.68 17.98
SE MSE A 296 -0.38 -15.18 16.84
CE MSE A 296 1.42 -15.73 16.51
H MSE A 296 -0.29 -18.87 20.29
HA MSE A 296 -1.12 -19.23 17.78
HB2 MSE A 296 0.81 -17.54 18.90
HB3 MSE A 296 0.82 -17.77 17.32
HG2 MSE A 296 -1.63 -17.10 17.59
HG3 MSE A 296 -1.05 -16.32 18.85
HE1 MSE A 296 1.85 -15.10 15.94
HE2 MSE A 296 1.89 -15.79 17.35
HE3 MSE A 296 1.40 -16.59 16.09
N ARG A 297 0.46 -20.77 16.68
CA ARG A 297 1.22 -21.93 16.22
C ARG A 297 1.73 -21.75 14.79
N SER A 298 2.67 -22.61 14.43
CA SER A 298 3.24 -22.63 13.11
C SER A 298 3.16 -24.07 12.59
N PHE A 299 3.10 -24.22 11.28
CA PHE A 299 3.13 -25.57 10.71
C PHE A 299 4.58 -26.10 10.74
N PRO A 300 4.74 -27.36 11.18
CA PRO A 300 6.08 -27.94 11.17
C PRO A 300 6.72 -27.92 9.77
N LYS A 301 8.06 -27.94 9.73
CA LYS A 301 8.78 -27.80 8.47
C LYS A 301 8.36 -28.87 7.46
N PRO A 302 8.16 -30.13 7.90
CA PRO A 302 7.77 -31.19 6.95
C PRO A 302 6.39 -30.96 6.35
N VAL A 303 5.48 -30.41 7.15
CA VAL A 303 4.17 -30.05 6.66
C VAL A 303 4.26 -28.93 5.65
N MSE A 304 4.97 -27.85 6.00
CA MSE A 304 5.14 -26.76 5.06
C MSE A 304 5.86 -27.23 3.79
O MSE A 304 5.50 -26.83 2.69
CB MSE A 304 5.86 -25.56 5.75
CG MSE A 304 5.65 -24.25 5.01
SE MSE A 304 3.77 -23.77 4.67
CE MSE A 304 3.19 -24.11 6.36
H MSE A 304 5.34 -27.73 6.76
HA MSE A 304 4.24 -26.45 4.80
HB2 MSE A 304 5.50 -25.46 6.65
HB3 MSE A 304 6.81 -25.74 5.78
HG2 MSE A 304 6.04 -23.53 5.53
HG3 MSE A 304 6.09 -24.30 4.15
HE1 MSE A 304 2.25 -23.93 6.41
HE2 MSE A 304 3.36 -25.04 6.57
HE3 MSE A 304 3.67 -23.55 6.98
N GLU A 305 6.82 -28.14 3.90
CA GLU A 305 7.50 -28.61 2.70
C GLU A 305 6.53 -29.33 1.76
N ALA A 306 5.69 -30.20 2.31
CA ALA A 306 4.65 -30.87 1.51
C ALA A 306 3.67 -29.88 0.87
N ILE A 307 3.30 -28.84 1.58
CA ILE A 307 2.38 -27.86 1.05
C ILE A 307 3.02 -27.04 -0.10
N VAL A 308 4.29 -26.67 0.04
CA VAL A 308 4.99 -25.91 -1.00
C VAL A 308 5.05 -26.75 -2.28
N GLN A 309 5.35 -28.04 -2.08
CA GLN A 309 5.48 -28.97 -3.19
C GLN A 309 4.13 -29.17 -3.89
N ALA A 310 3.06 -29.30 -3.12
CA ALA A 310 1.73 -29.58 -3.68
C ALA A 310 1.30 -28.34 -4.43
N ASN A 311 1.56 -27.18 -3.86
CA ASN A 311 1.31 -25.94 -4.57
C ASN A 311 2.06 -25.89 -5.93
N ASP A 312 3.37 -26.11 -5.95
CA ASP A 312 4.16 -26.16 -7.19
C ASP A 312 3.58 -27.20 -8.18
N GLU A 313 3.25 -28.37 -7.68
CA GLU A 313 2.74 -29.43 -8.54
C GLU A 313 1.44 -28.99 -9.19
N LEU A 314 0.58 -28.34 -8.40
CA LEU A 314 -0.74 -27.95 -8.89
C LEU A 314 -0.69 -26.75 -9.83
N LEU A 315 0.25 -25.84 -9.58
CA LEU A 315 0.41 -24.70 -10.46
C LEU A 315 0.81 -25.19 -11.86
N GLU A 316 1.71 -26.15 -11.88
CA GLU A 316 2.20 -26.71 -13.11
C GLU A 316 1.06 -27.43 -13.88
N GLU A 317 0.18 -28.10 -13.13
CA GLU A 317 -0.95 -28.82 -13.69
C GLU A 317 -2.02 -27.86 -14.24
N PHE A 318 -2.33 -26.82 -13.47
CA PHE A 318 -3.31 -25.82 -13.92
C PHE A 318 -2.79 -25.10 -15.16
N ALA A 319 -1.53 -24.70 -15.15
CA ALA A 319 -0.95 -23.99 -16.29
C ALA A 319 -1.09 -24.79 -17.60
N ALA A 320 -0.95 -26.11 -17.54
CA ALA A 320 -0.92 -26.93 -18.74
C ALA A 320 -2.30 -27.16 -19.37
N LYS A 321 -3.35 -27.05 -18.57
CA LYS A 321 -4.66 -27.38 -19.10
C LYS A 321 -5.39 -26.19 -19.73
N ASP A 322 -4.81 -25.00 -19.67
CA ASP A 322 -5.48 -23.84 -20.25
C ASP A 322 -4.49 -22.73 -20.53
N PRO A 323 -4.47 -22.22 -21.76
CA PRO A 323 -3.45 -21.22 -22.11
C PRO A 323 -3.66 -19.89 -21.39
N MSE A 324 -4.90 -19.54 -21.07
CA MSE A 324 -5.14 -18.32 -20.30
C MSE A 324 -4.60 -18.45 -18.87
O MSE A 324 -4.08 -17.46 -18.29
CB MSE A 324 -6.64 -17.99 -20.28
CG MSE A 324 -6.96 -16.69 -19.51
SE MSE A 324 -5.90 -15.15 -20.10
CE MSE A 324 -6.58 -14.98 -21.88
H MSE A 324 -5.61 -19.98 -21.28
HA MSE A 324 -4.68 -17.58 -20.75
HB2 MSE A 324 -6.95 -17.87 -21.19
HB3 MSE A 324 -7.11 -18.71 -19.85
HG2 MSE A 324 -7.89 -16.48 -19.64
HG3 MSE A 324 -6.78 -16.84 -18.56
HE1 MSE A 324 -6.14 -14.25 -22.32
HE2 MSE A 324 -6.40 -15.80 -22.37
HE3 MSE A 324 -7.53 -14.82 -21.85
N THR A 325 -4.74 -19.64 -18.29
CA THR A 325 -4.16 -19.96 -16.98
C THR A 325 -2.64 -19.91 -17.02
N ALA A 326 -2.06 -20.41 -18.09
CA ALA A 326 -0.61 -20.40 -18.19
C ALA A 326 -0.15 -18.95 -18.25
N GLU A 327 -0.89 -18.13 -18.99
CA GLU A 327 -0.52 -16.75 -19.18
C GLU A 327 -0.62 -16.01 -17.86
N ILE A 328 -1.69 -16.25 -17.13
CA ILE A 328 -1.86 -15.55 -15.86
C ILE A 328 -0.79 -15.99 -14.84
N LEU A 329 -0.58 -17.30 -14.69
CA LEU A 329 0.43 -17.78 -13.74
C LEU A 329 1.86 -17.37 -14.13
N LYS A 330 2.16 -17.28 -15.43
CA LYS A 330 3.47 -16.80 -15.84
C LYS A 330 3.68 -15.35 -15.48
N SER A 331 2.65 -14.53 -15.70
CA SER A 331 2.74 -13.13 -15.35
C SER A 331 2.95 -12.98 -13.85
N LEU A 332 2.20 -13.73 -13.05
CA LEU A 332 2.33 -13.65 -11.60
C LEU A 332 3.68 -14.12 -11.12
N ASN A 333 4.17 -15.20 -11.73
CA ASN A 333 5.42 -15.82 -11.32
C ASN A 333 6.63 -14.92 -11.69
N ASP A 334 6.66 -14.46 -12.93
CA ASP A 334 7.74 -13.58 -13.38
C ASP A 334 7.68 -12.26 -12.63
N TYR A 335 6.48 -11.71 -12.45
CA TYR A 335 6.36 -10.44 -11.76
C TYR A 335 6.81 -10.58 -10.30
N LYS A 336 6.35 -11.62 -9.61
CA LYS A 336 6.81 -11.85 -8.25
C LYS A 336 8.32 -11.96 -8.18
N HIS A 337 8.95 -12.69 -9.10
CA HIS A 337 10.41 -12.83 -9.07
C HIS A 337 11.09 -11.43 -9.14
N GLN A 338 10.52 -10.56 -9.96
CA GLN A 338 11.12 -9.26 -10.22
C GLN A 338 10.94 -8.30 -9.06
N ILE A 339 9.70 -8.19 -8.58
CA ILE A 339 9.39 -7.25 -7.51
C ILE A 339 9.89 -7.74 -6.13
N ARG A 340 9.90 -9.06 -5.89
CA ARG A 340 10.33 -9.58 -4.59
C ARG A 340 11.78 -9.21 -4.35
N ALA A 341 12.56 -9.16 -5.41
CA ALA A 341 13.96 -8.79 -5.22
C ALA A 341 14.05 -7.39 -4.60
N TRP A 342 13.17 -6.49 -5.03
CA TRP A 342 13.18 -5.13 -4.51
C TRP A 342 12.64 -5.06 -3.08
N THR A 343 11.57 -5.81 -2.83
CA THR A 343 11.02 -5.93 -1.49
C THR A 343 12.08 -6.42 -0.52
N ASN A 344 12.87 -7.42 -0.94
CA ASN A 344 13.93 -8.00 -0.14
C ASN A 344 15.05 -7.00 0.11
N LEU A 345 15.41 -6.24 -0.90
CA LEU A 345 16.50 -5.29 -0.77
C LEU A 345 16.08 -4.10 0.09
N SER A 346 14.78 -3.84 0.12
CA SER A 346 14.28 -2.59 0.70
C SER A 346 13.56 -2.89 2.04
N ASP A 347 12.25 -3.08 2.03
CA ASP A 347 11.50 -3.28 3.27
C ASP A 347 11.98 -4.48 4.12
N ARG A 348 12.25 -5.63 3.51
CA ARG A 348 12.56 -6.80 4.31
C ARG A 348 13.90 -6.66 5.05
N ALA A 349 14.92 -6.19 4.34
CA ALA A 349 16.22 -5.91 4.94
C ALA A 349 16.04 -5.00 6.16
N TYR A 350 15.20 -3.99 5.95
CA TYR A 350 14.92 -2.98 6.97
C TYR A 350 14.16 -3.60 8.18
N LEU A 351 13.10 -4.36 7.93
CA LEU A 351 12.34 -5.00 9.01
C LEU A 351 13.12 -6.09 9.75
N ASP A 352 13.96 -6.84 9.02
CA ASP A 352 14.84 -7.84 9.62
C ASP A 352 15.88 -7.18 10.52
N ASN A 353 16.35 -6.01 10.12
CA ASN A 353 17.49 -5.38 10.83
C ASN A 353 17.15 -4.39 11.94
N PHE A 354 15.99 -3.76 11.90
CA PHE A 354 15.65 -2.74 12.90
C PHE A 354 14.34 -2.99 13.63
N LYS B 27 -18.83 28.34 -12.91
CA LYS B 27 -18.87 27.02 -13.52
C LYS B 27 -17.46 26.46 -13.65
N LYS B 28 -16.61 27.05 -14.50
CA LYS B 28 -15.33 26.41 -14.80
C LYS B 28 -14.13 27.00 -14.05
N TYR B 29 -13.62 26.25 -13.08
CA TYR B 29 -12.44 26.62 -12.31
C TYR B 29 -11.14 26.24 -13.02
N ARG B 30 -10.25 27.22 -13.13
CA ARG B 30 -8.97 26.99 -13.75
C ARG B 30 -7.88 27.25 -12.73
N TRP B 31 -7.24 26.19 -12.30
CA TRP B 31 -6.27 26.28 -11.23
C TRP B 31 -4.90 26.00 -11.78
N LYS B 32 -3.87 26.40 -11.06
CA LYS B 32 -2.53 25.96 -11.37
C LYS B 32 -1.87 25.29 -10.17
N LEU B 33 -0.98 24.34 -10.47
CA LEU B 33 -0.19 23.65 -9.45
C LEU B 33 1.29 23.84 -9.75
N ALA B 34 2.06 24.17 -8.71
CA ALA B 34 3.50 24.33 -8.83
C ALA B 34 4.17 23.13 -8.16
N GLU B 35 5.07 22.48 -8.88
CA GLU B 35 5.71 21.29 -8.35
C GLU B 35 7.19 21.48 -8.31
N THR B 36 7.80 20.85 -7.31
CA THR B 36 9.24 21.00 -7.10
C THR B 36 10.01 20.45 -8.27
N TRP B 37 9.49 19.38 -8.87
CA TRP B 37 10.28 18.61 -9.84
C TRP B 37 10.38 19.33 -11.15
N GLY B 38 11.44 19.02 -11.89
CA GLY B 38 11.58 19.48 -13.25
C GLY B 38 10.55 18.83 -14.14
N PRO B 39 10.52 19.24 -15.41
CA PRO B 39 9.45 18.77 -16.29
C PRO B 39 9.57 17.28 -16.59
N ASN B 40 8.41 16.66 -16.78
CA ASN B 40 8.29 15.25 -17.10
C ASN B 40 9.16 14.38 -16.20
N PHE B 41 9.08 14.65 -14.92
CA PHE B 41 9.82 13.87 -13.96
C PHE B 41 9.00 12.62 -13.71
N PRO B 42 9.57 11.45 -14.01
CA PRO B 42 8.81 10.20 -13.84
C PRO B 42 8.38 9.96 -12.39
N ILE B 43 7.21 9.36 -12.24
CA ILE B 43 6.67 8.96 -10.95
C ILE B 43 6.14 10.16 -10.15
N PHE B 44 7.03 11.06 -9.72
CA PHE B 44 6.58 12.20 -8.96
C PHE B 44 5.75 13.13 -9.84
N GLY B 45 6.24 13.40 -11.05
CA GLY B 45 5.52 14.21 -12.03
C GLY B 45 4.32 13.45 -12.60
N ASP B 46 4.35 12.12 -12.51
CA ASP B 46 3.19 11.30 -12.91
C ASP B 46 2.06 11.46 -11.92
N ALA B 47 2.42 11.56 -10.64
CA ALA B 47 1.40 11.70 -9.60
C ALA B 47 0.55 12.96 -9.80
N THR B 48 1.19 14.08 -10.12
CA THR B 48 0.45 15.33 -10.34
C THR B 48 -0.38 15.33 -11.63
N LYS B 49 0.19 14.78 -12.71
CA LYS B 49 -0.52 14.66 -13.99
C LYS B 49 -1.73 13.75 -13.82
N ASN B 50 -1.53 12.67 -13.07
CA ASN B 50 -2.58 11.66 -12.86
C ASN B 50 -3.74 12.28 -12.08
N MSE B 51 -3.41 13.00 -11.01
CA MSE B 51 -4.39 13.76 -10.24
C MSE B 51 -5.16 14.77 -11.10
O MSE B 51 -6.39 14.82 -11.08
CB MSE B 51 -3.67 14.45 -9.10
CG MSE B 51 -4.56 15.19 -8.14
SE MSE B 51 -5.13 16.94 -8.68
CE MSE B 51 -3.41 17.91 -8.78
H MSE B 51 -2.60 13.06 -10.70
HA MSE B 51 -5.03 13.14 -9.84
HB2 MSE B 51 -3.18 13.79 -8.59
HB3 MSE B 51 -3.04 15.10 -9.47
HG2 MSE B 51 -5.35 14.66 -7.99
HG3 MSE B 51 -4.07 15.30 -7.31
HE1 MSE B 51 -3.59 18.82 -9.04
HE2 MSE B 51 -3.00 17.90 -7.91
HE3 MSE B 51 -2.85 17.48 -9.41
N ALA B 52 -4.43 15.59 -11.85
CA ALA B 52 -5.07 16.60 -12.69
C ALA B 52 -6.01 15.93 -13.71
N LYS B 53 -5.59 14.81 -14.30
CA LYS B 53 -6.42 14.15 -15.29
C LYS B 53 -7.71 13.58 -14.65
N MSE B 54 -7.56 12.96 -13.50
CA MSE B 54 -8.71 12.43 -12.77
C MSE B 54 -9.69 13.54 -12.42
O MSE B 54 -10.89 13.40 -12.65
CB MSE B 54 -8.24 11.73 -11.50
CG MSE B 54 -7.63 10.41 -11.75
SE MSE B 54 -7.23 9.68 -10.01
CE MSE B 54 -5.42 9.98 -9.78
H MSE B 54 -6.81 12.82 -13.11
HA MSE B 54 -9.16 11.77 -13.33
HB2 MSE B 54 -7.59 12.29 -11.05
HB3 MSE B 54 -9.01 11.60 -10.92
HG2 MSE B 54 -8.25 9.82 -12.21
HG3 MSE B 54 -6.81 10.51 -12.26
HE1 MSE B 54 -5.16 9.64 -8.92
HE2 MSE B 54 -4.94 9.53 -10.47
HE3 MSE B 54 -5.25 10.92 -9.82
N VAL B 55 -9.19 14.69 -11.94
CA VAL B 55 -10.07 15.81 -11.61
C VAL B 55 -10.79 16.41 -12.80
N LYS B 56 -10.08 16.60 -13.92
CA LYS B 56 -10.72 17.16 -15.11
C LYS B 56 -11.86 16.24 -15.58
N GLU B 57 -11.56 14.97 -15.62
CA GLU B 57 -12.50 13.99 -16.16
C GLU B 57 -13.72 13.78 -15.25
N MSE B 58 -13.46 13.62 -13.95
CA MSE B 58 -14.54 13.47 -13.00
C MSE B 58 -15.45 14.70 -12.98
O MSE B 58 -16.68 14.58 -12.88
CB MSE B 58 -13.99 13.18 -11.61
CG MSE B 58 -13.49 11.78 -11.42
SE MSE B 58 -13.17 11.50 -9.50
CE MSE B 58 -11.44 12.30 -9.59
H MSE B 58 -12.67 13.62 -13.61
HA MSE B 58 -15.08 12.69 -13.27
HB2 MSE B 58 -13.25 13.78 -11.45
HB3 MSE B 58 -14.68 13.35 -10.96
HG2 MSE B 58 -14.15 11.14 -11.72
HG3 MSE B 58 -12.65 11.66 -11.90
HE1 MSE B 58 -11.05 12.28 -8.71
HE2 MSE B 58 -10.89 11.80 -10.21
HE3 MSE B 58 -11.53 13.21 -9.90
N SER B 59 -14.85 15.87 -13.14
CA SER B 59 -15.59 17.12 -13.01
C SER B 59 -16.19 17.56 -14.33
N ASN B 60 -15.97 16.78 -15.39
CA ASN B 60 -16.44 17.13 -16.70
C ASN B 60 -15.90 18.50 -17.09
N GLY B 61 -14.68 18.80 -16.67
CA GLY B 61 -14.03 20.02 -17.10
C GLY B 61 -14.26 21.21 -16.20
N ARG B 62 -15.08 21.06 -15.15
CA ARG B 62 -15.43 22.21 -14.30
C ARG B 62 -14.29 22.61 -13.38
N LEU B 63 -13.39 21.67 -13.14
CA LEU B 63 -12.14 21.97 -12.47
C LEU B 63 -10.97 21.40 -13.27
N THR B 64 -10.08 22.27 -13.75
CA THR B 64 -8.87 21.77 -14.39
C THR B 64 -7.66 22.40 -13.73
N ILE B 65 -6.53 21.71 -13.82
CA ILE B 65 -5.32 22.09 -13.11
C ILE B 65 -4.10 22.03 -14.02
N ARG B 66 -3.55 23.20 -14.34
CA ARG B 66 -2.31 23.29 -15.09
C ARG B 66 -1.17 23.03 -14.14
N ILE B 67 -0.23 22.21 -14.57
CA ILE B 67 0.94 21.93 -13.76
C ILE B 67 2.18 22.67 -14.29
N ASP B 68 2.78 23.46 -13.40
CA ASP B 68 4.05 24.10 -13.69
C ASP B 68 5.16 23.37 -12.97
N SER B 69 6.06 22.79 -13.76
CA SER B 69 7.29 22.24 -13.20
C SER B 69 8.33 23.36 -12.97
N SER B 70 9.50 22.97 -12.46
CA SER B 70 10.49 23.92 -12.01
C SER B 70 11.10 24.66 -13.18
N ASN B 71 10.97 24.11 -14.39
CA ASN B 71 11.52 24.79 -15.57
C ASN B 71 10.66 26.03 -15.86
N LYS B 72 9.44 26.00 -15.37
CA LYS B 72 8.48 27.05 -15.69
C LYS B 72 8.39 28.13 -14.59
N HIS B 73 8.21 27.76 -13.31
CA HIS B 73 8.15 28.75 -12.23
C HIS B 73 9.53 29.12 -11.64
N LYS B 74 10.56 28.34 -11.96
CA LYS B 74 11.97 28.65 -11.62
C LYS B 74 12.30 28.61 -10.12
N SER B 75 11.56 27.83 -9.34
CA SER B 75 11.73 27.88 -7.89
C SER B 75 11.26 26.58 -7.29
N ALA B 76 12.12 25.57 -7.42
CA ALA B 76 11.83 24.23 -6.96
C ALA B 76 11.48 24.24 -5.47
N LEU B 77 12.16 25.08 -4.68
CA LEU B 77 11.82 25.15 -3.24
C LEU B 77 10.91 26.34 -2.88
N GLY B 78 10.24 26.91 -3.87
CA GLY B 78 9.29 27.98 -3.65
C GLY B 78 7.85 27.56 -3.44
N ILE B 79 7.59 26.24 -3.43
CA ILE B 79 6.21 25.71 -3.48
C ILE B 79 5.39 26.16 -2.26
N PHE B 80 6.02 26.08 -1.09
CA PHE B 80 5.38 26.44 0.16
C PHE B 80 4.87 27.87 0.11
N ASP B 81 5.72 28.80 -0.32
CA ASP B 81 5.32 30.21 -0.43
C ASP B 81 4.31 30.45 -1.54
N PHE B 82 4.46 29.77 -2.68
CA PHE B 82 3.50 29.89 -3.77
C PHE B 82 2.06 29.58 -3.30
N VAL B 83 1.92 28.51 -2.53
CA VAL B 83 0.63 28.05 -2.10
C VAL B 83 0.13 28.90 -0.94
N LYS B 84 1.04 29.30 -0.06
CA LYS B 84 0.65 30.08 1.11
C LYS B 84 0.08 31.41 0.67
N SER B 85 0.64 31.97 -0.39
CA SER B 85 0.24 33.28 -0.86
C SER B 85 -0.97 33.18 -1.76
N GLY B 86 -1.17 32.00 -2.33
CA GLY B 86 -2.27 31.81 -3.24
C GLY B 86 -1.93 32.11 -4.70
N GLN B 87 -0.71 32.60 -4.94
CA GLN B 87 -0.19 32.69 -6.30
C GLN B 87 -0.42 31.40 -7.10
N TYR B 88 -0.20 30.27 -6.44
CA TYR B 88 -0.64 28.96 -6.98
C TYR B 88 -1.71 28.41 -6.03
N GLN B 89 -2.78 27.81 -6.55
CA GLN B 89 -3.79 27.12 -5.71
C GLN B 89 -3.22 25.84 -5.05
N MSE B 90 -2.27 25.21 -5.71
CA MSE B 90 -1.77 23.90 -5.28
C MSE B 90 -0.27 23.78 -5.51
O MSE B 90 0.31 24.47 -6.36
CB MSE B 90 -2.44 22.76 -6.11
CG MSE B 90 -3.93 22.68 -5.97
SE MSE B 90 -4.66 21.09 -6.85
CE MSE B 90 -4.02 19.67 -5.75
H MSE B 90 -1.87 25.51 -6.43
HA MSE B 90 -1.98 23.77 -4.34
HB2 MSE B 90 -2.24 22.89 -7.04
HB3 MSE B 90 -2.07 21.92 -5.80
HG2 MSE B 90 -4.17 22.63 -5.03
HG3 MSE B 90 -4.33 23.46 -6.38
HE1 MSE B 90 -4.32 18.83 -6.10
HE2 MSE B 90 -3.06 19.68 -5.74
HE3 MSE B 90 -4.35 19.78 -4.86
N GLY B 91 0.33 22.86 -4.77
CA GLY B 91 1.72 22.49 -4.96
C GLY B 91 1.87 20.98 -4.83
N HIS B 92 3.03 20.48 -5.22
CA HIS B 92 3.40 19.12 -4.91
C HIS B 92 4.89 19.16 -4.60
N SER B 93 5.28 18.57 -3.47
CA SER B 93 6.65 18.71 -3.02
C SER B 93 6.85 17.68 -1.92
N ALA B 94 7.76 17.95 -0.99
CA ALA B 94 7.93 17.07 0.17
C ALA B 94 7.90 17.94 1.40
N SER B 95 7.13 17.51 2.40
CA SER B 95 6.96 18.28 3.62
C SER B 95 8.28 18.58 4.35
N TYR B 96 9.25 17.67 4.32
CA TYR B 96 10.47 17.90 5.09
C TYR B 96 11.40 18.92 4.49
N TYR B 97 11.14 19.33 3.24
CA TYR B 97 11.86 20.45 2.63
C TYR B 97 11.59 21.74 3.38
N TRP B 98 10.52 21.78 4.18
CA TRP B 98 10.21 23.03 4.89
C TRP B 98 10.73 23.07 6.34
N LYS B 99 11.66 22.19 6.67
CA LYS B 99 12.05 22.00 8.09
C LYS B 99 12.69 23.27 8.64
N GLY B 100 13.23 24.09 7.74
CA GLY B 100 13.86 25.33 8.12
C GLY B 100 12.84 26.37 8.54
N LYS B 101 11.63 26.26 8.02
CA LYS B 101 10.57 27.16 8.40
C LYS B 101 9.89 26.68 9.68
N ASN B 102 9.73 25.38 9.80
CA ASN B 102 9.02 24.79 10.93
C ASN B 102 9.47 23.35 11.04
N PHE B 103 10.16 23.02 12.11
CA PHE B 103 10.74 21.70 12.24
C PHE B 103 9.71 20.58 12.12
N ASN B 104 8.49 20.86 12.53
CA ASN B 104 7.45 19.84 12.57
C ASN B 104 6.98 19.36 11.19
N THR B 105 7.28 20.13 10.16
CA THR B 105 7.03 19.68 8.81
C THR B 105 7.84 18.45 8.43
N MSE B 106 8.92 18.16 9.13
CA MSE B 106 9.75 17.00 8.77
C MSE B 106 8.95 15.69 8.88
O MSE B 106 9.05 14.82 8.01
CB MSE B 106 10.99 16.92 9.68
CG MSE B 106 12.08 17.94 9.35
SE MSE B 106 13.69 17.57 10.38
CE MSE B 106 12.80 17.02 12.02
H MSE B 106 9.20 18.60 9.81
HA MSE B 106 10.06 17.11 7.85
N PHE B 107 8.16 15.57 9.94
CA PHE B 107 7.53 14.31 10.34
C PHE B 107 6.48 13.73 9.40
N PHE B 108 5.98 14.54 8.47
CA PHE B 108 4.93 14.10 7.54
C PHE B 108 5.46 13.59 6.21
N THR B 109 6.78 13.56 6.10
CA THR B 109 7.42 12.92 5.00
C THR B 109 7.85 11.54 5.45
N THR B 110 8.82 11.47 6.37
CA THR B 110 9.26 10.21 6.93
C THR B 110 10.24 10.50 8.07
N VAL B 111 10.64 9.44 8.75
CA VAL B 111 11.57 9.57 9.91
C VAL B 111 12.55 8.42 9.90
N PRO B 112 13.85 8.71 10.17
CA PRO B 112 14.78 7.60 10.24
C PRO B 112 14.31 6.53 11.23
N PHE B 113 14.43 5.26 10.85
CA PHE B 113 14.02 4.12 11.69
C PHE B 113 12.52 4.10 11.98
N GLY B 114 11.75 4.83 11.19
CA GLY B 114 10.32 4.87 11.43
C GLY B 114 9.54 3.90 10.58
N MSE B 115 8.35 4.32 10.19
CA MSE B 115 7.40 3.42 9.57
C MSE B 115 7.65 3.22 8.07
O MSE B 115 8.09 4.16 7.34
CB MSE B 115 6.00 3.95 9.82
CG MSE B 115 5.47 3.58 11.22
SE MSE B 115 3.67 4.23 11.42
CE MSE B 115 4.02 6.13 11.61
H MSE B 115 8.08 5.13 10.28
HA MSE B 115 7.46 2.55 10.01
HB2 MSE B 115 5.99 4.91 9.74
HB3 MSE B 115 5.39 3.57 9.17
HG2 MSE B 115 5.47 2.62 11.32
HG3 MSE B 115 6.03 4.00 11.90
HE1 MSE B 115 3.19 6.60 11.73
HE2 MSE B 115 4.58 6.28 12.38
HE3 MSE B 115 4.46 6.46 10.82
N ILE B 116 7.40 2.00 7.62
CA ILE B 116 7.37 1.74 6.18
C ILE B 116 6.04 2.24 5.63
N ALA B 117 5.92 2.28 4.30
CA ALA B 117 4.77 2.90 3.65
C ALA B 117 3.40 2.35 4.05
N SER B 118 3.23 1.03 4.05
CA SER B 118 1.91 0.50 4.38
C SER B 118 1.51 0.91 5.82
N GLU B 119 2.49 1.00 6.69
CA GLU B 119 2.27 1.34 8.11
C GLU B 119 1.95 2.83 8.20
N GLN B 120 2.68 3.63 7.42
CA GLN B 120 2.56 5.07 7.49
C GLN B 120 1.19 5.49 6.90
N HIS B 121 0.70 4.76 5.92
CA HIS B 121 -0.65 5.05 5.38
C HIS B 121 -1.74 4.78 6.44
N ALA B 122 -1.64 3.68 7.16
CA ALA B 122 -2.50 3.42 8.31
C ALA B 122 -2.45 4.58 9.31
N TRP B 123 -1.23 5.01 9.64
CA TRP B 123 -1.07 6.13 10.57
C TRP B 123 -1.76 7.37 10.03
N PHE B 124 -1.50 7.74 8.77
CA PHE B 124 -2.16 8.92 8.22
C PHE B 124 -3.67 8.87 8.34
N TYR B 125 -4.26 7.78 7.85
CA TYR B 125 -5.67 7.78 7.57
C TYR B 125 -6.54 7.28 8.75
N TYR B 126 -5.94 6.48 9.63
CA TYR B 126 -6.68 5.91 10.75
C TYR B 126 -6.03 6.19 12.10
N GLY B 127 -4.78 6.64 12.08
CA GLY B 127 -3.99 6.70 13.30
C GLY B 127 -3.78 8.12 13.78
N GLY B 128 -4.40 9.08 13.12
CA GLY B 128 -4.31 10.45 13.56
C GLY B 128 -3.31 11.33 12.84
N GLY B 129 -2.62 10.80 11.84
CA GLY B 129 -1.64 11.59 11.13
C GLY B 129 -2.23 12.73 10.30
N MSE B 130 -3.37 12.51 9.64
CA MSE B 130 -3.98 13.59 8.86
C MSE B 130 -4.28 14.79 9.76
O MSE B 130 -4.06 15.94 9.42
CB MSE B 130 -5.26 13.14 8.16
CG MSE B 130 -5.07 12.20 7.01
SE MSE B 130 -4.12 13.02 5.50
CE MSE B 130 -5.12 14.58 5.28
H MSE B 130 -3.81 11.77 9.63
HA MSE B 130 -3.34 13.87 8.16
HB2 MSE B 130 -5.82 12.68 8.81
HB3 MSE B 130 -5.73 13.91 7.82
HG2 MSE B 130 -4.55 11.44 7.31
HG3 MSE B 130 -5.93 11.91 6.69
HE1 MSE B 130 -4.76 15.08 4.55
HE2 MSE B 130 -6.03 14.34 5.09
HE3 MSE B 130 -5.09 15.09 6.09
N GLU B 131 -4.80 14.50 10.94
CA GLU B 131 -5.26 15.54 11.81
C GLU B 131 -4.08 16.34 12.39
N LEU B 132 -3.00 15.64 12.76
CA LEU B 132 -1.78 16.34 13.20
C LEU B 132 -1.23 17.24 12.09
N MSE B 133 -1.21 16.70 10.88
CA MSE B 133 -0.68 17.46 9.76
C MSE B 133 -1.44 18.77 9.61
O MSE B 133 -0.86 19.85 9.32
CB MSE B 133 -0.75 16.62 8.46
CG MSE B 133 0.02 17.30 7.31
SE MSE B 133 0.60 16.11 5.88
CE MSE B 133 -1.12 15.32 5.46
H MSE B 133 -1.50 15.91 10.69
HA MSE B 133 0.27 17.66 9.93
HB2 MSE B 133 -0.34 15.76 8.62
HB3 MSE B 133 -1.67 16.53 8.19
HG2 MSE B 133 -0.57 17.97 6.91
HG3 MSE B 133 0.80 17.73 7.66
HE1 MSE B 133 -1.00 14.68 4.74
HE2 MSE B 133 -1.46 14.88 6.23
HE3 MSE B 133 -1.72 16.02 5.17
N LYS B 134 -2.74 18.66 9.76
CA LYS B 134 -3.63 19.82 9.66
C LYS B 134 -3.28 20.84 10.74
N LYS B 135 -3.03 20.39 11.97
CA LYS B 135 -2.68 21.32 13.07
C LYS B 135 -1.42 22.12 12.75
N VAL B 136 -0.49 21.50 12.04
CA VAL B 136 0.76 22.14 11.68
C VAL B 136 0.55 23.09 10.51
N TYR B 137 -0.13 22.61 9.48
CA TYR B 137 -0.24 23.41 8.27
C TYR B 137 -1.35 24.48 8.34
N ASP B 138 -2.33 24.31 9.24
CA ASP B 138 -3.40 25.34 9.40
C ASP B 138 -2.89 26.77 9.68
N GLN B 139 -1.74 26.88 10.30
CA GLN B 139 -1.21 28.21 10.65
C GLN B 139 -0.73 28.98 9.44
N TYR B 140 -0.54 28.27 8.32
CA TYR B 140 -0.08 28.91 7.09
C TYR B 140 -1.21 29.02 6.07
N GLY B 141 -2.40 28.60 6.45
CA GLY B 141 -3.52 28.64 5.51
C GLY B 141 -3.32 27.66 4.37
N ILE B 142 -2.58 26.58 4.63
CA ILE B 142 -2.29 25.55 3.65
C ILE B 142 -2.92 24.24 4.12
N MSE B 143 -3.34 23.40 3.17
CA MSE B 143 -3.87 22.08 3.46
C MSE B 143 -2.87 21.14 2.86
O MSE B 143 -2.54 21.27 1.68
CB MSE B 143 -5.22 21.86 2.77
CG MSE B 143 -6.29 22.84 3.16
SE MSE B 143 -7.89 22.67 2.00
CE MSE B 143 -8.81 21.32 2.97
H MSE B 143 -3.31 23.58 2.33
HA MSE B 143 -3.96 21.93 4.42
HB2 MSE B 143 -5.09 21.94 1.81
HB3 MSE B 143 -5.53 20.98 2.98
HG2 MSE B 143 -6.55 22.67 4.07
HG3 MSE B 143 -5.95 23.74 3.06
HE1 MSE B 143 -9.63 21.12 2.52
HE2 MSE B 143 -8.26 20.53 3.01
HE3 MSE B 143 -8.99 21.64 3.86
N SER B 144 -2.36 20.23 3.66
CA SER B 144 -1.43 19.26 3.15
C SER B 144 -2.07 17.87 3.17
N PHE B 145 -1.83 17.12 2.10
CA PHE B 145 -2.35 15.78 1.89
C PHE B 145 -1.21 14.85 1.47
N PRO B 146 -1.32 13.55 1.77
CA PRO B 146 -0.29 12.66 1.23
C PRO B 146 -0.19 12.82 -0.30
N GLY B 147 1.03 12.84 -0.85
CA GLY B 147 1.24 13.08 -2.27
C GLY B 147 1.94 11.96 -3.05
N GLY B 148 2.14 10.82 -2.40
CA GLY B 148 2.72 9.65 -3.04
C GLY B 148 3.87 9.11 -2.25
N ASN B 149 3.88 7.81 -1.97
CA ASN B 149 5.01 7.20 -1.26
C ASN B 149 6.02 6.55 -2.21
N THR B 150 7.29 6.75 -1.92
CA THR B 150 8.37 6.09 -2.68
C THR B 150 8.65 4.68 -2.18
N GLY B 151 8.08 4.32 -1.04
CA GLY B 151 8.59 3.14 -0.37
C GLY B 151 9.95 3.40 0.32
N ASN B 152 10.65 2.31 0.66
CA ASN B 152 11.93 2.40 1.41
C ASN B 152 13.08 2.86 0.52
N GLN B 153 13.84 3.85 0.96
CA GLN B 153 14.80 4.46 0.09
C GLN B 153 16.15 3.92 0.39
N MSE B 154 16.99 3.87 -0.63
CA MSE B 154 18.36 3.37 -0.45
C MSE B 154 19.20 4.34 0.37
O MSE B 154 18.99 5.55 0.30
CB MSE B 154 19.00 3.11 -1.83
CG MSE B 154 18.31 1.96 -2.58
SE MSE B 154 18.64 0.22 -1.72
CE MSE B 154 20.47 -0.08 -2.24
H MSE B 154 16.81 4.12 -1.44
HA MSE B 154 18.32 2.52 0.03
HB2 MSE B 154 18.92 3.92 -2.36
HB3 MSE B 154 19.93 2.89 -1.70
HG2 MSE B 154 17.36 2.11 -2.61
HG3 MSE B 154 18.67 1.91 -3.48
HE1 MSE B 154 20.77 -0.92 -1.88
HE2 MSE B 154 20.52 -0.10 -3.20
HE3 MSE B 154 21.01 0.64 -1.90
N GLY B 155 20.15 3.80 1.13
CA GLY B 155 21.08 4.59 1.91
C GLY B 155 21.88 5.58 1.05
N GLY B 156 22.08 5.28 -0.22
CA GLY B 156 22.68 6.24 -1.12
C GLY B 156 23.91 5.74 -1.86
N TRP B 157 24.57 6.68 -2.51
CA TRP B 157 25.67 6.36 -3.40
C TRP B 157 26.97 6.89 -2.79
N PHE B 158 27.97 6.02 -2.69
CA PHE B 158 29.20 6.35 -1.98
C PHE B 158 30.44 6.09 -2.81
N LYS B 159 31.41 6.99 -2.69
CA LYS B 159 32.70 6.86 -3.36
C LYS B 159 33.68 6.05 -2.51
N LYS B 160 33.53 6.12 -1.19
CA LYS B 160 34.33 5.29 -0.29
C LYS B 160 33.41 4.57 0.69
N GLU B 161 33.78 3.35 1.05
CA GLU B 161 32.95 2.56 1.94
C GLU B 161 32.92 3.17 3.34
N ILE B 162 31.78 2.99 3.98
CA ILE B 162 31.63 3.37 5.37
C ILE B 162 31.87 2.11 6.22
N ASN B 163 33.12 1.97 6.69
CA ASN B 163 33.54 0.83 7.51
C ASN B 163 33.42 1.10 9.02
N SER B 164 33.48 2.36 9.40
CA SER B 164 33.24 2.72 10.79
C SER B 164 32.66 4.11 10.90
N VAL B 165 32.36 4.52 12.12
CA VAL B 165 31.84 5.85 12.38
C VAL B 165 32.85 6.95 12.03
N GLU B 166 34.14 6.60 12.01
CA GLU B 166 35.15 7.59 11.64
C GLU B 166 34.99 8.02 10.17
N ASP B 167 34.38 7.17 9.35
CA ASP B 167 34.28 7.46 7.93
C ASP B 167 33.18 8.48 7.64
N LEU B 168 32.36 8.77 8.65
CA LEU B 168 31.32 9.79 8.53
C LEU B 168 31.83 11.22 8.80
N LYS B 169 32.90 11.31 9.59
CA LYS B 169 33.40 12.59 10.01
C LYS B 169 33.92 13.39 8.82
N GLY B 170 33.34 14.57 8.59
CA GLY B 170 33.75 15.40 7.47
C GLY B 170 33.15 14.95 6.16
N LEU B 171 32.38 13.86 6.17
CA LEU B 171 31.77 13.37 4.93
C LEU B 171 30.73 14.38 4.45
N LYS B 172 30.94 14.90 3.25
CA LYS B 172 30.03 15.86 2.66
C LYS B 172 29.00 15.07 1.88
N MSE B 173 27.74 15.20 2.24
CA MSE B 173 26.73 14.35 1.65
C MSE B 173 25.41 15.10 1.50
O MSE B 173 24.98 15.81 2.41
CB MSE B 173 26.56 13.11 2.53
CG MSE B 173 25.55 12.08 2.01
SE MSE B 173 25.10 10.70 3.32
CE MSE B 173 24.19 9.51 2.07
H MSE B 173 27.44 15.77 2.82
HA MSE B 173 27.03 14.07 0.77
HB2 MSE B 173 27.42 12.65 2.59
HB3 MSE B 173 26.28 13.39 3.41
HG2 MSE B 173 24.72 12.54 1.78
HG3 MSE B 173 25.91 11.64 1.22
HE1 MSE B 173 23.88 8.73 2.54
HE2 MSE B 173 23.44 9.97 1.69
HE3 MSE B 173 24.79 9.25 1.38
N ARG B 174 24.75 14.92 0.37
CA ARG B 174 23.42 15.47 0.18
C ARG B 174 22.41 14.52 0.79
N ILE B 175 21.72 14.96 1.84
CA ILE B 175 20.69 14.13 2.44
C ILE B 175 19.73 15.00 3.27
N PRO B 176 18.42 14.91 2.97
CA PRO B 176 17.47 15.85 3.55
C PRO B 176 16.85 15.39 4.87
N GLY B 177 15.88 16.17 5.34
CA GLY B 177 15.08 15.80 6.48
C GLY B 177 15.85 15.56 7.76
N PHE B 178 15.31 14.68 8.59
CA PHE B 178 15.89 14.47 9.92
C PHE B 178 17.24 13.77 9.82
N ALA B 179 17.37 12.80 8.90
CA ALA B 179 18.62 12.07 8.71
C ALA B 179 19.83 13.00 8.55
N GLY B 180 19.62 14.14 7.89
CA GLY B 180 20.69 15.10 7.71
C GLY B 180 21.12 15.70 9.04
N GLU B 181 20.15 15.81 9.95
CA GLU B 181 20.40 16.39 11.27
C GLU B 181 21.10 15.37 12.14
N VAL B 182 20.82 14.10 11.87
CA VAL B 182 21.44 13.02 12.62
C VAL B 182 22.90 12.88 12.20
N LEU B 183 23.15 12.90 10.90
CA LEU B 183 24.48 12.61 10.39
C LEU B 183 25.42 13.74 10.76
N ALA B 184 24.88 14.95 10.83
CA ALA B 184 25.68 16.09 11.27
C ALA B 184 26.15 15.89 12.71
N LYS B 185 25.25 15.39 13.55
CA LYS B 185 25.53 15.17 14.96
C LYS B 185 26.74 14.26 15.08
N LEU B 186 26.96 13.48 14.04
CA LEU B 186 28.05 12.51 14.02
C LEU B 186 29.28 12.95 13.25
N GLY B 187 29.32 14.20 12.78
CA GLY B 187 30.54 14.71 12.19
C GLY B 187 30.50 14.88 10.68
N ALA B 188 29.42 14.40 10.05
CA ALA B 188 29.23 14.59 8.61
C ALA B 188 28.73 15.98 8.34
N LYS B 189 28.75 16.34 7.06
CA LYS B 189 28.38 17.68 6.66
C LYS B 189 27.31 17.64 5.60
N PRO B 190 26.06 17.44 6.04
CA PRO B 190 24.94 17.39 5.10
C PRO B 190 25.02 18.61 4.24
N THR B 191 24.94 18.43 2.92
CA THR B 191 25.23 19.53 2.01
C THR B 191 24.04 19.74 1.08
N ASN B 192 23.75 21.02 0.80
CA ASN B 192 22.64 21.35 -0.07
C ASN B 192 23.05 21.47 -1.54
N ILE B 193 22.33 20.74 -2.38
CA ILE B 193 22.58 20.73 -3.81
C ILE B 193 21.23 20.54 -4.52
N PRO B 194 21.00 21.26 -5.63
CA PRO B 194 19.63 21.30 -6.16
C PRO B 194 19.07 19.92 -6.54
N SER B 195 19.71 19.24 -7.48
CA SER B 195 19.22 17.96 -8.02
C SER B 195 19.76 17.78 -9.44
N GLY B 196 19.58 18.81 -10.25
CA GLY B 196 20.22 18.86 -11.56
C GLY B 196 21.73 18.80 -11.43
N GLU B 197 22.23 19.21 -10.27
CA GLU B 197 23.67 19.22 -10.08
C GLU B 197 24.14 18.09 -9.17
N LEU B 198 23.22 17.24 -8.70
CA LEU B 198 23.64 16.13 -7.84
C LEU B 198 24.76 15.30 -8.49
N TYR B 199 24.57 14.89 -9.74
CA TYR B 199 25.59 14.15 -10.48
C TYR B 199 26.88 14.94 -10.58
N THR B 200 26.77 16.17 -11.04
CA THR B 200 27.95 16.99 -11.25
C THR B 200 28.66 17.22 -9.92
N ALA B 201 27.89 17.62 -8.90
CA ALA B 201 28.44 17.87 -7.56
C ALA B 201 29.29 16.69 -7.07
N LEU B 202 28.79 15.48 -7.32
CA LEU B 202 29.47 14.26 -6.92
C LEU B 202 30.68 14.00 -7.80
N GLU B 203 30.58 14.30 -9.09
CA GLU B 203 31.74 14.17 -9.97
C GLU B 203 32.81 15.19 -9.57
N ARG B 204 32.38 16.40 -9.19
CA ARG B 204 33.28 17.53 -8.84
C ARG B 204 33.81 17.48 -7.41
N ASN B 205 33.41 16.44 -6.68
CA ASN B 205 33.77 16.27 -5.27
C ASN B 205 33.34 17.43 -4.39
N THR B 206 32.33 18.16 -4.82
CA THR B 206 31.62 19.08 -3.94
C THR B 206 30.93 18.29 -2.82
N ILE B 207 30.49 17.06 -3.13
CA ILE B 207 30.06 16.10 -2.13
C ILE B 207 30.79 14.78 -2.30
N ASP B 208 30.93 14.04 -1.21
CA ASP B 208 31.54 12.72 -1.22
C ASP B 208 30.49 11.65 -1.41
N ALA B 209 29.24 11.98 -1.11
CA ALA B 209 28.17 11.00 -1.23
C ALA B 209 26.80 11.68 -1.33
N LEU B 210 25.75 10.90 -1.60
CA LEU B 210 24.44 11.48 -1.72
C LEU B 210 23.47 10.36 -1.69
N GLU B 211 22.24 10.68 -1.31
CA GLU B 211 21.12 9.76 -1.48
C GLU B 211 20.12 10.57 -2.26
N TRP B 212 19.25 9.83 -2.94
CA TRP B 212 18.15 10.40 -3.68
C TRP B 212 16.86 9.64 -3.33
N VAL B 213 16.65 8.49 -3.97
CA VAL B 213 15.45 7.69 -3.75
C VAL B 213 15.71 6.18 -3.69
N GLY B 214 16.34 5.64 -4.72
CA GLY B 214 16.39 4.19 -4.91
C GLY B 214 16.35 3.88 -6.40
N PRO B 215 16.31 2.58 -6.76
CA PRO B 215 16.43 2.19 -8.17
C PRO B 215 15.37 2.85 -9.07
N SER B 216 14.19 3.16 -8.54
CA SER B 216 13.15 3.76 -9.37
C SER B 216 13.63 5.00 -10.09
N LEU B 217 14.43 5.85 -9.44
CA LEU B 217 14.77 7.16 -9.99
C LEU B 217 16.28 7.45 -10.05
N ASP B 218 17.10 6.65 -9.38
CA ASP B 218 18.53 6.96 -9.29
C ASP B 218 19.29 6.63 -10.56
N LEU B 219 18.79 5.65 -11.30
CA LEU B 219 19.43 5.22 -12.54
C LEU B 219 19.44 6.30 -13.59
N ARG B 220 18.32 7.00 -13.77
CA ARG B 220 18.31 8.04 -14.78
C ARG B 220 19.27 9.19 -14.44
N MSE B 221 19.79 9.19 -13.21
CA MSE B 221 20.64 10.27 -12.70
C MSE B 221 22.12 9.99 -12.94
O MSE B 221 22.95 10.90 -12.91
CB MSE B 221 20.39 10.51 -11.20
CG MSE B 221 18.94 10.83 -10.85
SE MSE B 221 18.41 12.54 -11.59
CE MSE B 221 19.09 13.67 -10.16
H MSE B 221 19.66 8.56 -12.64
HA MSE B 221 20.41 11.10 -13.18
HB2 MSE B 221 20.63 9.69 -10.73
HB3 MSE B 221 20.95 11.24 -10.90
HG2 MSE B 221 18.35 10.15 -11.20
HG3 MSE B 221 18.85 10.88 -9.88
HE1 MSE B 221 18.91 14.59 -10.36
HE2 MSE B 221 18.65 13.44 -9.34
HE3 MSE B 221 20.03 13.54 -10.07
N GLY B 222 22.46 8.72 -13.15
CA GLY B 222 23.80 8.34 -13.54
C GLY B 222 24.80 8.23 -12.39
N PHE B 223 24.31 8.23 -11.16
CA PHE B 223 25.21 8.15 -9.98
C PHE B 223 26.08 6.88 -10.00
N HIS B 224 25.53 5.79 -10.51
CA HIS B 224 26.26 4.54 -10.63
C HIS B 224 27.56 4.71 -11.41
N LYS B 225 27.62 5.73 -12.27
CA LYS B 225 28.82 5.98 -13.06
C LYS B 225 29.92 6.61 -12.21
N ILE B 226 29.54 7.30 -11.15
CA ILE B 226 30.51 8.03 -10.33
C ILE B 226 30.74 7.45 -8.93
N ALA B 227 29.83 6.58 -8.48
CA ALA B 227 29.88 6.08 -7.12
C ALA B 227 29.65 4.56 -7.15
N PRO B 228 30.68 3.78 -6.78
CA PRO B 228 30.57 2.32 -6.97
C PRO B 228 29.71 1.65 -5.90
N TYR B 229 29.53 2.31 -4.76
CA TYR B 229 28.91 1.66 -3.61
C TYR B 229 27.53 2.20 -3.36
N TYR B 230 26.57 1.27 -3.31
CA TYR B 230 25.15 1.58 -3.20
C TYR B 230 24.63 0.98 -1.91
N TYR B 231 24.36 1.82 -0.92
CA TYR B 231 23.99 1.32 0.40
C TYR B 231 22.49 1.18 0.60
N THR B 232 22.12 0.13 1.33
CA THR B 232 20.75 -0.05 1.79
C THR B 232 20.38 1.02 2.83
N GLY B 233 19.08 1.09 3.10
CA GLY B 233 18.47 2.20 3.83
C GLY B 233 18.39 2.11 5.35
N TRP B 234 17.63 3.06 5.89
CA TRP B 234 17.53 3.31 7.34
C TRP B 234 16.84 4.63 7.60
N HIS B 235 17.18 5.60 6.77
CA HIS B 235 16.87 7.00 6.96
C HIS B 235 15.50 7.50 6.45
N GLU B 236 14.98 6.84 5.41
CA GLU B 236 13.69 7.22 4.82
C GLU B 236 12.95 5.97 4.43
N PRO B 237 12.40 5.26 5.43
CA PRO B 237 11.77 3.96 5.28
C PRO B 237 10.44 4.02 4.57
N GLY B 238 9.87 5.21 4.44
CA GLY B 238 8.60 5.36 3.74
C GLY B 238 8.32 6.80 3.38
N THR B 239 9.08 7.33 2.44
CA THR B 239 8.96 8.74 2.09
C THR B 239 7.63 9.08 1.42
N GLU B 240 6.78 9.83 2.13
CA GLU B 240 5.52 10.33 1.59
C GLU B 240 5.70 11.76 1.08
N LEU B 241 5.36 11.99 -0.18
CA LEU B 241 5.37 13.35 -0.66
C LEU B 241 4.12 14.08 -0.17
N GLN B 242 3.90 15.30 -0.66
CA GLN B 242 2.71 16.04 -0.26
C GLN B 242 2.10 16.78 -1.43
N PHE B 243 0.77 16.82 -1.47
CA PHE B 243 0.07 17.86 -2.18
C PHE B 243 -0.18 18.93 -1.15
N MSE B 244 -0.12 20.17 -1.61
CA MSE B 244 -0.56 21.31 -0.81
C MSE B 244 -1.67 22.02 -1.56
O MSE B 244 -1.65 22.11 -2.80
CB MSE B 244 0.62 22.25 -0.55
CG MSE B 244 1.60 21.67 0.47
SE MSE B 244 2.91 22.91 1.07
CE MSE B 244 4.04 22.82 -0.49
H MSE B 244 0.19 20.39 -2.38
HA MSE B 244 -0.90 21.00 0.05
HB2 MSE B 244 1.11 22.40 -1.38
HB3 MSE B 244 0.30 23.09 -0.20
HG2 MSE B 244 1.09 21.37 1.24
HG3 MSE B 244 2.06 20.92 0.07
HE1 MSE B 244 4.80 23.41 -0.37
HE2 MSE B 244 4.34 21.91 -0.61
HE3 MSE B 244 3.53 23.10 -1.25
N VAL B 245 -2.66 22.51 -0.81
CA VAL B 245 -3.77 23.28 -1.37
C VAL B 245 -4.00 24.54 -0.55
N ASN B 246 -4.10 25.68 -1.23
CA ASN B 246 -4.34 26.93 -0.53
C ASN B 246 -5.74 26.84 0.02
N GLN B 247 -5.92 27.14 1.32
CA GLN B 247 -7.21 26.94 1.97
C GLN B 247 -8.30 27.82 1.40
N LYS B 248 -8.01 29.09 1.15
CA LYS B 248 -9.02 29.96 0.58
C LYS B 248 -9.47 29.43 -0.80
N ALA B 249 -8.52 28.99 -1.60
CA ALA B 249 -8.85 28.45 -2.92
C ALA B 249 -9.77 27.26 -2.75
N TYR B 250 -9.41 26.37 -1.83
CA TYR B 250 -10.21 25.19 -1.58
C TYR B 250 -11.60 25.60 -1.18
N ASN B 251 -11.73 26.57 -0.27
CA ASN B 251 -13.05 26.99 0.21
C ASN B 251 -13.95 27.63 -0.86
N SER B 252 -13.34 28.12 -1.95
CA SER B 252 -14.10 28.73 -3.04
C SER B 252 -14.82 27.71 -3.91
N LEU B 253 -14.46 26.44 -3.77
CA LEU B 253 -15.04 25.37 -4.56
C LEU B 253 -16.38 24.92 -4.00
N PRO B 254 -17.31 24.50 -4.89
CA PRO B 254 -18.52 23.88 -4.36
C PRO B 254 -18.17 22.50 -3.75
N LYS B 255 -19.03 21.92 -2.91
CA LYS B 255 -18.67 20.71 -2.15
C LYS B 255 -18.38 19.48 -3.01
N ASP B 256 -19.08 19.31 -4.12
CA ASP B 256 -18.78 18.18 -5.02
C ASP B 256 -17.39 18.27 -5.65
N LEU B 257 -17.01 19.47 -6.11
CA LEU B 257 -15.64 19.66 -6.62
C LEU B 257 -14.61 19.46 -5.52
N GLN B 258 -14.92 19.87 -4.30
CA GLN B 258 -14.00 19.66 -3.20
C GLN B 258 -13.67 18.19 -3.00
N LYS B 259 -14.71 17.35 -3.03
CA LYS B 259 -14.54 15.95 -2.81
C LYS B 259 -13.84 15.30 -4.01
N ILE B 260 -14.17 15.74 -5.21
CA ILE B 260 -13.46 15.25 -6.38
C ILE B 260 -11.95 15.48 -6.24
N LEU B 261 -11.58 16.66 -5.75
CA LEU B 261 -10.20 17.03 -5.66
C LEU B 261 -9.52 16.15 -4.61
N THR B 262 -10.14 16.02 -3.44
CA THR B 262 -9.49 15.28 -2.37
C THR B 262 -9.42 13.78 -2.65
N VAL B 263 -10.50 13.19 -3.16
CA VAL B 263 -10.43 11.80 -3.61
C VAL B 263 -9.39 11.58 -4.73
N ALA B 264 -9.34 12.47 -5.72
CA ALA B 264 -8.31 12.39 -6.77
C ALA B 264 -6.89 12.40 -6.16
N MSE B 265 -6.65 13.30 -5.21
CA MSE B 265 -5.34 13.39 -4.59
C MSE B 265 -4.99 12.12 -3.87
O MSE B 265 -3.83 11.67 -3.93
CB MSE B 265 -5.25 14.58 -3.62
CG MSE B 265 -5.09 15.93 -4.35
SE MSE B 265 -4.79 17.34 -3.06
CE MSE B 265 -6.44 17.28 -2.10
H MSE B 265 -7.22 13.87 -4.92
HA MSE B 265 -4.67 13.54 -5.29
HB2 MSE B 265 -6.06 14.61 -3.09
HB3 MSE B 265 -4.48 14.45 -3.04
HG2 MSE B 265 -4.32 15.89 -4.95
HG3 MSE B 265 -5.90 16.13 -4.85
HE1 MSE B 265 -6.42 17.94 -1.41
HE2 MSE B 265 -7.16 17.46 -2.71
HE3 MSE B 265 -6.54 16.40 -1.72
N LYS B 266 -5.98 11.52 -3.20
CA LYS B 266 -5.77 10.28 -2.47
C LYS B 266 -5.47 9.12 -3.44
N ALA B 267 -6.26 9.01 -4.49
CA ALA B 267 -6.05 7.93 -5.45
C ALA B 267 -4.68 8.07 -6.15
N ALA B 268 -4.30 9.28 -6.53
CA ALA B 268 -2.99 9.53 -7.17
C ALA B 268 -1.88 9.23 -6.20
N ALA B 269 -2.05 9.61 -4.94
CA ALA B 269 -1.01 9.34 -3.96
C ALA B 269 -0.78 7.83 -3.83
N TYR B 270 -1.86 7.09 -3.64
CA TYR B 270 -1.73 5.66 -3.51
C TYR B 270 -1.12 4.98 -4.77
N ASP B 271 -1.61 5.36 -5.94
CA ASP B 271 -1.05 4.90 -7.22
C ASP B 271 0.48 5.18 -7.34
N MSE B 272 0.96 6.27 -6.77
CA MSE B 272 2.40 6.55 -6.91
C MSE B 272 3.25 5.53 -6.15
O MSE B 272 4.38 5.27 -6.53
CB MSE B 272 2.76 7.97 -6.45
CG MSE B 272 4.03 8.46 -7.08
SE MSE B 272 4.84 9.94 -6.13
CE MSE B 272 5.89 8.91 -4.87
H MSE B 272 0.51 6.85 -6.31
HA MSE B 272 2.62 6.49 -7.86
HB2 MSE B 272 2.05 8.58 -6.69
HB3 MSE B 272 2.89 7.97 -5.49
HG2 MSE B 272 4.68 7.74 -7.11
HG3 MSE B 272 3.84 8.77 -7.99
HE1 MSE B 272 6.37 9.51 -4.30
HE2 MSE B 272 5.30 8.36 -4.35
HE3 MSE B 272 6.50 8.35 -5.36
N TYR B 273 2.72 4.95 -5.08
CA TYR B 273 3.47 3.92 -4.35
C TYR B 273 3.50 2.68 -5.23
N SER B 274 2.34 2.29 -5.76
CA SER B 274 2.31 1.19 -6.70
C SER B 274 3.32 1.43 -7.82
N GLN B 275 3.34 2.65 -8.35
CA GLN B 275 4.25 2.96 -9.46
C GLN B 275 5.71 2.91 -8.99
N SER B 276 5.97 3.39 -7.77
CA SER B 276 7.33 3.36 -7.24
C SER B 276 7.82 1.94 -7.04
N MSE B 277 6.96 1.09 -6.49
CA MSE B 277 7.29 -0.30 -6.33
C MSE B 277 7.61 -0.88 -7.72
O MSE B 277 8.65 -1.50 -7.92
CB MSE B 277 6.12 -1.05 -5.70
CG MSE B 277 6.00 -0.81 -4.17
SE MSE B 277 7.38 -1.76 -3.22
CE MSE B 277 6.88 -3.58 -3.64
H MSE B 277 6.17 1.31 -6.22
HA MSE B 277 8.08 -0.39 -5.75
HB2 MSE B 277 5.30 -0.75 -6.12
HB3 MSE B 277 6.24 -2.00 -5.84
HG2 MSE B 277 6.08 0.14 -3.97
HG3 MSE B 277 5.13 -1.13 -3.86
HE1 MSE B 277 7.51 -4.18 -3.22
HE2 MSE B 277 6.00 -3.75 -3.31
HE3 MSE B 277 6.91 -3.70 -4.59
N HIS B 278 6.72 -0.64 -8.67
CA HIS B 278 6.88 -1.20 -9.99
C HIS B 278 8.20 -0.77 -10.62
N ALA B 279 8.49 0.52 -10.56
CA ALA B 279 9.65 1.08 -11.25
C ALA B 279 10.92 0.57 -10.57
N SER B 280 10.86 0.40 -9.26
CA SER B 280 12.00 -0.11 -8.51
C SER B 280 12.34 -1.50 -8.92
N GLY B 281 11.32 -2.37 -9.02
CA GLY B 281 11.57 -3.73 -9.44
C GLY B 281 12.15 -3.76 -10.84
N VAL B 282 11.58 -2.96 -11.73
CA VAL B 282 12.06 -2.92 -13.08
C VAL B 282 13.51 -2.48 -13.15
N ASN B 283 13.84 -1.45 -12.39
CA ASN B 283 15.13 -0.81 -12.51
C ASN B 283 16.19 -1.56 -11.76
N LEU B 284 15.79 -2.29 -10.73
CA LEU B 284 16.73 -3.11 -10.00
C LEU B 284 17.17 -4.27 -10.91
N ALA B 285 16.23 -4.88 -11.62
CA ALA B 285 16.62 -5.87 -12.61
C ALA B 285 17.58 -5.26 -13.69
N SER B 286 17.23 -4.08 -14.21
CA SER B 286 18.05 -3.42 -15.24
C SER B 286 19.45 -3.10 -14.68
N LEU B 287 19.49 -2.57 -13.46
CA LEU B 287 20.76 -2.30 -12.74
C LEU B 287 21.65 -3.54 -12.70
N LYS B 288 21.05 -4.67 -12.37
CA LYS B 288 21.81 -5.89 -12.15
C LYS B 288 22.35 -6.46 -13.45
N LYS B 289 21.68 -6.16 -14.55
CA LYS B 289 22.05 -6.67 -15.88
C LYS B 289 23.00 -5.73 -16.63
N ASP B 290 22.86 -4.43 -16.40
CA ASP B 290 23.54 -3.42 -17.21
C ASP B 290 24.67 -2.74 -16.47
N TYR B 291 24.61 -2.70 -15.15
CA TYR B 291 25.66 -2.05 -14.39
C TYR B 291 26.37 -2.99 -13.45
N PRO B 292 27.45 -3.62 -13.94
CA PRO B 292 28.21 -4.72 -13.34
C PRO B 292 28.97 -4.36 -12.07
N ASN B 293 29.52 -3.14 -12.05
CA ASN B 293 30.36 -2.73 -10.94
C ASN B 293 29.66 -1.82 -9.93
N VAL B 294 28.32 -1.78 -9.95
CA VAL B 294 27.58 -1.26 -8.80
C VAL B 294 27.64 -2.31 -7.68
N GLN B 295 28.29 -1.98 -6.58
CA GLN B 295 28.43 -2.94 -5.49
C GLN B 295 27.53 -2.54 -4.33
N MSE B 296 26.55 -3.35 -3.97
CA MSE B 296 25.56 -3.35 -2.92
C MSE B 296 26.32 -3.44 -1.60
O MSE B 296 27.18 -4.30 -1.42
CB MSE B 296 24.56 -4.49 -3.06
CG MSE B 296 23.69 -4.34 -4.31
SE MSE B 296 22.74 -2.65 -4.42
CE MSE B 296 21.49 -3.15 -5.86
H MSE B 296 26.56 -2.69 -3.41
HA MSE B 296 25.07 -2.51 -2.94
HB2 MSE B 296 25.04 -5.32 -3.12
HB3 MSE B 296 23.98 -4.50 -2.29
HG2 MSE B 296 23.04 -5.05 -4.31
HG3 MSE B 296 24.26 -4.41 -5.09
HE1 MSE B 296 20.92 -2.41 -6.06
HE2 MSE B 296 21.99 -3.39 -6.64
HE3 MSE B 296 20.97 -3.90 -5.57
N ARG B 297 26.04 -2.50 -0.70
CA ARG B 297 26.62 -2.54 0.64
C ARG B 297 25.54 -2.27 1.70
N SER B 298 25.91 -2.61 2.93
CA SER B 298 25.11 -2.28 4.07
C SER B 298 26.05 -1.69 5.11
N PHE B 299 25.58 -0.71 5.87
CA PHE B 299 26.37 -0.09 6.93
C PHE B 299 26.67 -1.12 8.00
N PRO B 300 27.96 -1.28 8.33
CA PRO B 300 28.34 -2.21 9.40
C PRO B 300 27.56 -1.96 10.71
N LYS B 301 27.45 -2.98 11.56
CA LYS B 301 26.58 -2.91 12.74
C LYS B 301 26.93 -1.74 13.67
N PRO B 302 28.23 -1.58 14.00
CA PRO B 302 28.55 -0.53 14.97
C PRO B 302 28.16 0.85 14.49
N VAL B 303 28.17 1.06 13.18
CA VAL B 303 27.77 2.35 12.61
C VAL B 303 26.26 2.58 12.73
N MSE B 304 25.46 1.55 12.51
CA MSE B 304 24.03 1.77 12.61
C MSE B 304 23.60 1.96 14.06
O MSE B 304 22.74 2.79 14.34
CB MSE B 304 23.25 0.63 11.98
CG MSE B 304 21.88 1.08 11.53
SE MSE B 304 21.94 2.23 9.95
CE MSE B 304 22.72 0.93 8.80
H MSE B 304 25.70 0.75 12.30
HA MSE B 304 23.81 2.58 12.11
HB2 MSE B 304 23.73 0.29 11.21
HB3 MSE B 304 23.13 -0.08 12.63
HG2 MSE B 304 21.35 0.31 11.30
HG3 MSE B 304 21.45 1.57 12.24
HE1 MSE B 304 22.84 1.31 7.93
HE2 MSE B 304 23.57 0.66 9.16
HE3 MSE B 304 22.14 0.18 8.74
N GLU B 305 24.19 1.21 15.00
CA GLU B 305 23.97 1.47 16.43
C GLU B 305 24.30 2.92 16.79
N ALA B 306 25.38 3.47 16.25
CA ALA B 306 25.73 4.87 16.50
C ALA B 306 24.71 5.85 15.92
N ILE B 307 24.20 5.56 14.73
CA ILE B 307 23.26 6.46 14.06
C ILE B 307 21.92 6.37 14.76
N VAL B 308 21.53 5.14 15.08
CA VAL B 308 20.32 4.88 15.85
C VAL B 308 20.35 5.72 17.11
N GLN B 309 21.44 5.63 17.85
CA GLN B 309 21.54 6.30 19.14
C GLN B 309 21.46 7.82 19.01
N ALA B 310 22.17 8.37 18.03
CA ALA B 310 22.14 9.80 17.74
C ALA B 310 20.70 10.21 17.41
N ASN B 311 20.04 9.38 16.62
CA ASN B 311 18.71 9.70 16.14
C ASN B 311 17.77 9.88 17.32
N ASP B 312 17.75 8.87 18.19
CA ASP B 312 16.90 8.83 19.37
C ASP B 312 17.22 9.98 20.33
N GLU B 313 18.51 10.18 20.60
CA GLU B 313 18.91 11.26 21.50
C GLU B 313 18.42 12.57 20.91
N LEU B 314 18.64 12.74 19.61
CA LEU B 314 18.31 13.99 18.97
C LEU B 314 16.80 14.22 18.95
N LEU B 315 16.04 13.14 18.77
CA LEU B 315 14.59 13.28 18.75
C LEU B 315 14.07 13.73 20.12
N GLU B 316 14.58 13.11 21.17
CA GLU B 316 14.16 13.45 22.53
C GLU B 316 14.44 14.92 22.79
N GLU B 317 15.49 15.44 22.16
CA GLU B 317 15.92 16.81 22.32
C GLU B 317 14.93 17.77 21.67
N PHE B 318 14.58 17.50 20.42
CA PHE B 318 13.62 18.29 19.71
C PHE B 318 12.23 18.22 20.31
N ALA B 319 11.80 17.02 20.70
CA ALA B 319 10.52 16.88 21.40
C ALA B 319 10.45 17.74 22.69
N ALA B 320 11.56 17.84 23.42
CA ALA B 320 11.54 18.50 24.72
C ALA B 320 11.44 20.02 24.58
N LYS B 321 11.81 20.52 23.40
CA LYS B 321 11.84 21.97 23.15
C LYS B 321 10.52 22.52 22.54
N ASP B 322 9.68 21.64 22.02
CA ASP B 322 8.49 22.12 21.28
C ASP B 322 7.33 21.16 21.49
N PRO B 323 6.21 21.65 22.07
CA PRO B 323 5.09 20.80 22.45
C PRO B 323 4.46 20.08 21.25
N MSE B 324 4.39 20.77 20.12
CA MSE B 324 3.80 20.18 18.92
C MSE B 324 4.70 19.04 18.47
O MSE B 324 4.25 17.96 18.08
CB MSE B 324 3.66 21.24 17.85
CG MSE B 324 3.11 20.68 16.52
SE MSE B 324 1.31 20.01 16.77
CE MSE B 324 0.38 21.64 16.43
H MSE B 324 4.67 21.57 20.02
HA MSE B 324 2.91 19.82 19.14
HB2 MSE B 324 3.04 21.92 18.16
HB3 MSE B 324 4.52 21.63 17.67
HG2 MSE B 324 3.08 21.40 15.86
HG3 MSE B 324 3.68 19.96 16.22
HE1 MSE B 324 -0.57 21.48 16.51
HE2 MSE B 324 0.64 22.30 17.07
HE3 MSE B 324 0.58 21.94 15.53
N THR B 325 6.00 19.26 18.58
CA THR B 325 6.95 18.22 18.23
C THR B 325 6.76 16.99 19.12
N ALA B 326 6.61 17.22 20.43
CA ALA B 326 6.42 16.13 21.36
C ALA B 326 5.17 15.34 21.02
N GLU B 327 4.09 16.05 20.75
CA GLU B 327 2.82 15.41 20.39
C GLU B 327 2.99 14.55 19.14
N ILE B 328 3.62 15.11 18.11
CA ILE B 328 3.75 14.36 16.85
C ILE B 328 4.61 13.11 17.01
N LEU B 329 5.75 13.24 17.72
CA LEU B 329 6.65 12.12 17.92
C LEU B 329 6.04 11.04 18.80
N LYS B 330 5.24 11.43 19.81
CA LYS B 330 4.58 10.43 20.63
C LYS B 330 3.57 9.63 19.79
N SER B 331 2.82 10.34 18.94
CA SER B 331 1.89 9.66 18.03
C SER B 331 2.64 8.69 17.13
N LEU B 332 3.71 9.17 16.51
CA LEU B 332 4.49 8.38 15.59
C LEU B 332 5.11 7.17 16.24
N ASN B 333 5.66 7.36 17.43
CA ASN B 333 6.25 6.27 18.16
C ASN B 333 5.28 5.25 18.72
N ASP B 334 4.22 5.71 19.35
CA ASP B 334 3.22 4.82 19.90
C ASP B 334 2.64 4.01 18.72
N TYR B 335 2.35 4.69 17.63
CA TYR B 335 1.72 4.01 16.51
C TYR B 335 2.67 2.99 15.86
N LYS B 336 3.89 3.42 15.56
CA LYS B 336 4.91 2.52 15.04
C LYS B 336 5.03 1.25 15.87
N HIS B 337 5.21 1.39 17.17
CA HIS B 337 5.30 0.21 18.04
C HIS B 337 4.12 -0.73 17.86
N GLN B 338 2.91 -0.16 17.83
CA GLN B 338 1.72 -0.98 17.56
C GLN B 338 1.71 -1.64 16.18
N ILE B 339 1.79 -0.83 15.13
CA ILE B 339 1.60 -1.37 13.79
C ILE B 339 2.76 -2.34 13.42
N ARG B 340 3.96 -2.04 13.92
CA ARG B 340 5.14 -2.83 13.55
C ARG B 340 5.03 -4.26 14.09
N ALA B 341 4.37 -4.45 15.24
CA ALA B 341 4.16 -5.80 15.75
C ALA B 341 3.33 -6.64 14.74
N TRP B 342 2.42 -5.98 14.02
CA TRP B 342 1.59 -6.68 13.03
C TRP B 342 2.37 -6.93 11.74
N THR B 343 3.12 -5.91 11.31
CA THR B 343 4.00 -6.08 10.16
C THR B 343 4.97 -7.24 10.39
N ASN B 344 5.55 -7.32 11.58
CA ASN B 344 6.47 -8.41 11.91
C ASN B 344 5.79 -9.78 11.91
N LEU B 345 4.61 -9.86 12.50
CA LEU B 345 3.86 -11.11 12.53
C LEU B 345 3.35 -11.53 11.14
N SER B 346 3.04 -10.57 10.28
CA SER B 346 2.43 -10.87 8.98
C SER B 346 3.48 -10.89 7.86
N ASP B 347 3.66 -9.78 7.16
CA ASP B 347 4.58 -9.74 6.02
C ASP B 347 6.03 -10.13 6.37
N ARG B 348 6.56 -9.66 7.50
CA ARG B 348 7.96 -9.91 7.75
C ARG B 348 8.18 -11.39 7.90
N ALA B 349 7.44 -12.02 8.81
CA ALA B 349 7.63 -13.44 9.02
C ALA B 349 7.44 -14.21 7.69
N TYR B 350 6.45 -13.80 6.91
CA TYR B 350 6.19 -14.46 5.63
C TYR B 350 7.39 -14.36 4.71
N LEU B 351 7.96 -13.17 4.62
CA LEU B 351 9.08 -12.96 3.74
C LEU B 351 10.28 -13.73 4.24
N ASP B 352 10.48 -13.76 5.55
CA ASP B 352 11.62 -14.45 6.11
C ASP B 352 11.52 -15.95 5.84
N ASN B 353 10.30 -16.49 5.86
CA ASN B 353 10.10 -17.95 5.84
C ASN B 353 10.00 -18.55 4.44
N PHE B 354 9.65 -17.75 3.44
CA PHE B 354 9.51 -18.25 2.08
C PHE B 354 10.46 -17.58 1.08
CL CL C . -10.64 -17.43 -18.79
C PYR D . -11.88 -15.14 2.65
O PYR D . -11.29 -16.18 3.17
OXT PYR D . -13.07 -15.33 2.16
CA PYR D . -11.29 -13.85 2.72
O3 PYR D . -10.03 -13.70 3.02
CB PYR D . -12.11 -12.61 2.50
HB1 PYR D . -12.61 -12.33 3.43
HB2 PYR D . -12.85 -12.80 1.73
HB3 PYR D . -11.45 -11.80 2.19
CA CA E . -8.97 -15.96 3.91
C PYR F . 14.47 13.40 -1.36
O PYR F . 15.60 12.88 -0.90
OXT PYR F . 14.41 14.67 -1.62
CA PYR F . 13.37 12.57 -1.55
O3 PYR F . 13.37 11.39 -1.00
CB PYR F . 12.22 12.98 -2.42
HB1 PYR F . 12.45 12.77 -3.46
HB2 PYR F . 11.32 12.44 -2.12
HB3 PYR F . 12.05 14.06 -2.30
CA CA G . 15.79 10.71 -0.18
#